data_1UM2
#
_entry.id   1UM2
#
_cell.length_a   66.4
_cell.length_b   70.4
_cell.length_c   58.0
_cell.angle_alpha   100.4
_cell.angle_beta   98.7
_cell.angle_gamma   78.9
#
_symmetry.space_group_name_H-M   'P 1'
#
loop_
_entity.id
_entity.type
_entity.pdbx_description
1 polymer 'ENDONUCLEASE PI-SCEI'
2 polymer '21-mer from Vacuolar ATP synthase catalytic subunit A'
3 water water
#
loop_
_entity_poly.entity_id
_entity_poly.type
_entity_poly.pdbx_seq_one_letter_code
_entity_poly.pdbx_strand_id
1 'polypeptide(L)'
;SFAKGTNVLMADGSIECIENIEVGNKVMGKDGRPREVIKLPRGRETMYSVVQKSQHRAHKSDSSREVPELLKFTCNATNE
LVVRTPRSVRRLSRTIKGVEYFEVITFEMGQKKAPDGRIVELVKEVSKSYPISEGPERANELVESYRKASNKAYFEWTIE
ARDLSLLGSHVRKATYQTYAPILYENDHFFDYMQKSKFHLTIEGPKVLAYLLGLWIGDGLSDRATFSVDSRDTSLMERVT
EYAEKLNLCAEYKDRKEPQVAKTVNLYSKVVRGNGIRNNLNTENPLWDAIVGLGFLKDGVKNIPSFLSTDNIGTRETFLA
GLIDSDGYVTDEHGIKATIKTIHTSVRDGLVSLARSLGLVVSVNAEPAKVDMNGTKHKISYAIYMSGGDVLLNVLSKCAG
SKKFRPAPAAAFARECRGFYFELQELKEDDYYGITLSDDSDHQFLLANQVVVHN
;
A,B
2 'polypeptide(L)' MSNSDAIIYVGSGERGNEMAE C,D
#
# COMPACT_ATOMS: atom_id res chain seq x y z
N SER A 1 29.76 4.93 -15.38
CA SER A 1 30.24 3.83 -16.25
C SER A 1 30.03 2.46 -15.61
N PHE A 2 29.75 1.46 -16.45
CA PHE A 2 29.45 0.14 -15.95
C PHE A 2 30.33 -1.01 -16.39
N ALA A 3 30.48 -1.96 -15.46
CA ALA A 3 31.25 -3.20 -15.61
C ALA A 3 31.02 -4.00 -16.93
N LYS A 4 31.97 -4.87 -17.27
CA LYS A 4 31.86 -5.68 -18.48
C LYS A 4 30.63 -6.58 -18.35
N GLY A 5 29.82 -6.64 -19.39
CA GLY A 5 28.63 -7.48 -19.40
C GLY A 5 27.34 -6.90 -18.83
N THR A 6 27.33 -5.60 -18.54
CA THR A 6 26.15 -4.95 -17.99
C THR A 6 25.09 -4.90 -19.05
N ASN A 7 24.17 -5.85 -18.97
CA ASN A 7 23.07 -5.92 -19.94
C ASN A 7 22.40 -4.57 -19.93
N VAL A 8 22.05 -4.09 -21.12
CA VAL A 8 21.43 -2.79 -21.23
C VAL A 8 20.08 -2.89 -21.90
N LEU A 9 19.45 -1.74 -22.18
CA LEU A 9 18.16 -1.78 -22.84
C LEU A 9 18.21 -0.83 -24.00
N MET A 10 18.05 -1.36 -25.20
CA MET A 10 18.10 -0.54 -26.42
C MET A 10 16.73 0.06 -26.65
N ALA A 11 16.66 1.19 -27.38
CA ALA A 11 15.37 1.86 -27.64
C ALA A 11 14.38 1.10 -28.53
N ASP A 12 14.81 -0.03 -29.07
CA ASP A 12 13.98 -0.86 -29.92
C ASP A 12 13.34 -1.96 -29.05
N GLY A 13 14.03 -2.29 -27.95
CA GLY A 13 13.54 -3.30 -27.05
C GLY A 13 14.59 -4.35 -26.76
N SER A 14 15.59 -4.43 -27.62
CA SER A 14 16.68 -5.39 -27.49
C SER A 14 17.70 -5.19 -26.36
N ILE A 15 18.33 -6.28 -25.93
CA ILE A 15 19.32 -6.23 -24.85
C ILE A 15 20.80 -6.49 -25.31
N GLU A 16 21.53 -5.41 -25.62
CA GLU A 16 22.93 -5.55 -26.02
C GLU A 16 23.76 -5.38 -24.76
N CYS A 17 25.09 -5.38 -24.89
CA CYS A 17 25.94 -5.16 -23.72
C CYS A 17 26.46 -3.73 -23.74
N ILE A 18 26.93 -3.25 -22.60
CA ILE A 18 27.44 -1.88 -22.48
C ILE A 18 28.72 -1.79 -23.29
N GLU A 19 29.42 -2.92 -23.39
CA GLU A 19 30.66 -2.96 -24.15
C GLU A 19 30.37 -3.02 -25.66
N ASN A 20 29.47 -3.93 -26.05
CA ASN A 20 29.11 -4.11 -27.44
C ASN A 20 28.34 -2.98 -28.05
N ILE A 21 27.82 -2.06 -27.24
CA ILE A 21 27.07 -0.96 -27.83
C ILE A 21 28.05 -0.09 -28.59
N GLU A 22 27.67 0.30 -29.80
CA GLU A 22 28.53 1.12 -30.64
C GLU A 22 27.98 2.53 -30.76
N VAL A 23 28.83 3.47 -31.15
CA VAL A 23 28.40 4.85 -31.28
C VAL A 23 27.35 5.06 -32.40
N GLY A 24 26.41 5.99 -32.20
CA GLY A 24 25.36 6.23 -33.18
C GLY A 24 24.19 5.30 -32.89
N ASN A 25 24.33 4.60 -31.77
CA ASN A 25 23.32 3.67 -31.30
C ASN A 25 22.28 4.39 -30.45
N LYS A 26 21.12 3.74 -30.28
CA LYS A 26 20.07 4.32 -29.48
C LYS A 26 19.83 3.40 -28.27
N VAL A 27 19.73 4.02 -27.11
CA VAL A 27 19.45 3.29 -25.88
C VAL A 27 18.09 3.79 -25.45
N MET A 28 17.41 2.99 -24.62
CA MET A 28 16.07 3.28 -24.11
C MET A 28 15.95 4.37 -23.03
N GLY A 29 15.41 5.52 -23.42
CA GLY A 29 15.24 6.62 -22.47
C GLY A 29 14.10 6.33 -21.51
N LYS A 30 14.24 6.75 -20.27
CA LYS A 30 13.20 6.48 -19.29
C LYS A 30 11.85 7.08 -19.64
N ASP A 31 11.61 7.32 -20.92
CA ASP A 31 10.33 7.87 -21.34
C ASP A 31 9.75 7.22 -22.61
N GLY A 32 10.44 6.19 -23.09
CA GLY A 32 9.97 5.50 -24.29
C GLY A 32 10.82 5.75 -25.50
N ARG A 33 11.07 7.03 -25.78
CA ARG A 33 11.89 7.48 -26.90
C ARG A 33 13.36 7.09 -26.66
N PRO A 34 14.20 7.12 -27.71
CA PRO A 34 15.62 6.76 -27.64
C PRO A 34 16.60 7.86 -27.20
N ARG A 35 17.82 7.43 -26.95
CA ARG A 35 18.89 8.32 -26.53
C ARG A 35 20.08 7.98 -27.39
N GLU A 36 20.75 8.99 -27.96
CA GLU A 36 21.90 8.75 -28.85
C GLU A 36 23.27 8.57 -28.19
N VAL A 37 23.92 7.44 -28.47
CA VAL A 37 25.27 7.18 -27.94
C VAL A 37 26.30 7.88 -28.84
N ILE A 38 27.32 8.47 -28.22
CA ILE A 38 28.31 9.19 -28.98
C ILE A 38 29.69 8.79 -28.54
N LYS A 39 29.91 8.72 -27.24
CA LYS A 39 31.21 8.31 -26.70
C LYS A 39 31.17 6.86 -26.19
N LEU A 40 32.29 6.39 -25.64
CA LEU A 40 32.39 5.04 -25.11
C LEU A 40 33.46 5.07 -24.06
N PRO A 41 33.21 5.82 -22.98
CA PRO A 41 34.10 6.01 -21.83
C PRO A 41 34.77 4.74 -21.33
N ARG A 42 36.08 4.62 -21.48
CA ARG A 42 36.79 3.44 -20.99
C ARG A 42 37.80 3.86 -19.91
N GLY A 43 38.38 2.89 -19.23
CA GLY A 43 39.32 3.21 -18.18
C GLY A 43 39.20 2.19 -17.06
N ARG A 44 39.67 2.55 -15.86
CA ARG A 44 39.64 1.63 -14.73
C ARG A 44 39.51 2.37 -13.40
N GLU A 45 39.14 1.66 -12.34
CA GLU A 45 39.01 2.27 -11.01
C GLU A 45 38.35 1.33 -10.02
N THR A 46 37.98 1.85 -8.86
CA THR A 46 37.30 0.98 -7.95
C THR A 46 35.91 0.85 -8.57
N MET A 47 35.28 -0.28 -8.38
CA MET A 47 33.96 -0.53 -8.91
C MET A 47 33.04 -0.79 -7.74
N TYR A 48 31.83 -0.23 -7.78
CA TYR A 48 30.84 -0.45 -6.72
C TYR A 48 29.69 -1.30 -7.28
N SER A 49 29.29 -2.30 -6.50
CA SER A 49 28.18 -3.18 -6.89
C SER A 49 26.89 -2.72 -6.20
N VAL A 50 25.98 -2.12 -6.96
CA VAL A 50 24.72 -1.72 -6.36
C VAL A 50 23.84 -2.95 -6.31
N VAL A 51 23.20 -3.20 -5.18
CA VAL A 51 22.33 -4.37 -5.09
C VAL A 51 21.10 -4.13 -4.19
N GLN A 52 19.90 -4.32 -4.76
CA GLN A 52 18.63 -4.09 -4.06
C GLN A 52 18.68 -4.69 -2.68
N LYS A 53 18.40 -3.87 -1.69
CA LYS A 53 18.43 -4.27 -0.29
C LYS A 53 17.14 -4.91 0.17
N SER A 54 17.21 -6.14 0.66
CA SER A 54 16.02 -6.81 1.15
C SER A 54 16.38 -7.71 2.34
N PRO A 68 14.73 -14.10 -5.09
CA PRO A 68 16.05 -13.45 -5.18
C PRO A 68 16.15 -12.62 -6.46
N GLU A 69 14.98 -12.22 -6.97
CA GLU A 69 14.83 -11.44 -8.19
C GLU A 69 15.18 -9.97 -7.99
N LEU A 70 16.27 -9.73 -7.28
CA LEU A 70 16.74 -8.37 -6.96
C LEU A 70 17.33 -7.59 -8.14
N LEU A 71 17.11 -6.28 -8.12
CA LEU A 71 17.64 -5.40 -9.15
C LEU A 71 19.06 -5.09 -8.69
N LYS A 72 20.04 -5.41 -9.53
CA LYS A 72 21.43 -5.12 -9.18
C LYS A 72 22.17 -4.61 -10.42
N PHE A 73 23.29 -3.93 -10.19
CA PHE A 73 24.13 -3.40 -11.27
C PHE A 73 25.45 -2.89 -10.70
N THR A 74 26.57 -3.22 -11.36
CA THR A 74 27.93 -2.79 -10.93
C THR A 74 28.48 -1.59 -11.74
N CYS A 75 28.96 -0.56 -11.04
CA CYS A 75 29.46 0.62 -11.72
C CYS A 75 30.79 1.19 -11.24
N ASN A 76 31.17 2.31 -11.85
CA ASN A 76 32.39 3.02 -11.51
C ASN A 76 32.13 3.92 -10.30
N ALA A 77 33.08 3.95 -9.37
CA ALA A 77 32.96 4.73 -8.15
C ALA A 77 32.63 6.18 -8.41
N THR A 78 32.75 6.63 -9.63
CA THR A 78 32.44 8.02 -9.92
C THR A 78 31.08 8.14 -10.59
N ASN A 79 30.38 7.02 -10.69
CA ASN A 79 29.05 6.93 -11.31
C ASN A 79 28.00 7.72 -10.53
N GLU A 80 27.21 8.52 -11.21
CA GLU A 80 26.19 9.27 -10.51
C GLU A 80 24.96 8.37 -10.44
N LEU A 81 24.68 7.81 -9.27
CA LEU A 81 23.52 6.96 -9.13
C LEU A 81 22.37 7.94 -9.18
N VAL A 82 21.29 7.60 -9.89
CA VAL A 82 20.11 8.48 -9.96
C VAL A 82 19.33 7.97 -8.77
N VAL A 83 18.82 8.89 -7.96
CA VAL A 83 18.09 8.52 -6.75
C VAL A 83 17.00 9.50 -6.38
N ARG A 84 16.24 9.14 -5.35
CA ARG A 84 15.19 10.02 -4.86
C ARG A 84 15.23 10.00 -3.34
N THR A 85 14.76 11.07 -2.72
CA THR A 85 14.72 11.15 -1.27
C THR A 85 13.50 11.98 -0.88
N PRO A 86 12.63 11.40 -0.05
CA PRO A 86 11.41 12.05 0.42
C PRO A 86 11.60 13.38 1.05
N ARG A 87 10.71 14.33 0.78
CA ARG A 87 10.82 15.60 1.48
C ARG A 87 10.31 15.21 2.86
N SER A 88 10.43 16.13 3.81
CA SER A 88 10.03 15.82 5.17
C SER A 88 10.14 17.06 6.03
N VAL A 89 9.18 17.29 6.91
CA VAL A 89 9.22 18.44 7.79
C VAL A 89 8.32 18.22 8.99
N ARG A 90 8.87 18.37 10.18
CA ARG A 90 8.07 18.22 11.39
C ARG A 90 8.45 19.31 12.32
N ARG A 91 7.46 19.87 13.01
CA ARG A 91 7.71 20.95 13.95
C ARG A 91 7.43 20.46 15.33
N LEU A 92 8.45 19.95 16.01
CA LEU A 92 8.24 19.47 17.36
C LEU A 92 8.48 20.58 18.38
N SER A 93 8.76 20.18 19.62
CA SER A 93 9.00 21.14 20.67
C SER A 93 9.83 20.54 21.80
N ARG A 94 11.14 20.79 21.71
CA ARG A 94 12.15 20.30 22.64
C ARG A 94 12.66 21.44 23.55
N THR A 95 13.30 21.07 24.67
CA THR A 95 13.85 22.03 25.64
C THR A 95 15.36 21.85 25.77
N ILE A 96 16.14 22.89 25.46
CA ILE A 96 17.60 22.80 25.54
C ILE A 96 18.16 23.21 26.92
N LYS A 97 18.00 22.31 27.90
CA LYS A 97 18.47 22.54 29.27
C LYS A 97 17.92 23.87 29.75
N GLY A 98 16.71 23.89 30.29
CA GLY A 98 16.17 25.15 30.76
C GLY A 98 15.39 25.99 29.76
N VAL A 99 15.74 25.94 28.47
CA VAL A 99 15.02 26.70 27.43
C VAL A 99 14.32 25.76 26.41
N GLU A 100 13.00 25.85 26.35
CA GLU A 100 12.17 25.04 25.45
C GLU A 100 12.06 25.68 24.08
N TYR A 101 12.58 24.97 23.06
CA TYR A 101 12.57 25.45 21.68
C TYR A 101 11.57 24.74 20.79
N PHE A 102 11.14 25.47 19.76
CA PHE A 102 10.22 24.95 18.77
C PHE A 102 11.07 24.51 17.58
N GLU A 103 11.62 23.30 17.69
CA GLU A 103 12.48 22.74 16.67
C GLU A 103 11.72 22.34 15.42
N VAL A 104 12.33 22.65 14.28
CA VAL A 104 11.79 22.34 12.97
C VAL A 104 12.80 21.54 12.18
N ILE A 105 12.53 20.24 12.03
CA ILE A 105 13.40 19.32 11.29
C ILE A 105 12.93 19.11 9.85
N THR A 106 13.86 19.20 8.90
CA THR A 106 13.55 19.03 7.47
C THR A 106 14.61 18.28 6.69
N PHE A 107 14.25 17.79 5.51
CA PHE A 107 15.20 17.18 4.61
C PHE A 107 15.35 18.29 3.57
N GLU A 108 16.60 18.73 3.35
CA GLU A 108 16.85 19.75 2.34
C GLU A 108 18.20 19.64 1.68
N MET A 109 18.30 20.30 0.54
CA MET A 109 19.54 20.33 -0.23
C MET A 109 20.58 21.14 0.54
N GLY A 110 21.70 20.48 0.84
CA GLY A 110 22.78 21.12 1.58
C GLY A 110 24.11 20.49 1.20
N GLN A 111 25.23 21.06 1.66
CA GLN A 111 26.52 20.48 1.30
C GLN A 111 27.30 19.85 2.44
N LYS A 112 28.31 19.10 2.06
CA LYS A 112 29.21 18.44 2.97
C LYS A 112 30.39 18.11 2.12
N LYS A 113 31.58 18.38 2.66
CA LYS A 113 32.83 18.13 1.99
C LYS A 113 33.24 16.71 2.29
N ALA A 114 33.81 16.02 1.30
CA ALA A 114 34.27 14.64 1.50
C ALA A 114 35.77 14.63 1.82
N PRO A 115 36.39 13.44 1.88
CA PRO A 115 37.83 13.56 2.21
C PRO A 115 38.73 13.80 0.98
N ASP A 116 38.15 13.74 -0.22
CA ASP A 116 38.88 13.95 -1.49
C ASP A 116 39.39 15.40 -1.63
N GLY A 117 38.51 16.33 -1.29
CA GLY A 117 38.76 17.74 -1.35
C GLY A 117 37.38 18.37 -1.50
N ARG A 118 36.76 18.12 -2.65
CA ARG A 118 35.46 18.63 -3.05
C ARG A 118 34.34 18.84 -2.02
N ILE A 119 33.46 19.76 -2.40
CA ILE A 119 32.25 20.14 -1.68
C ILE A 119 31.12 19.46 -2.45
N VAL A 120 30.60 18.37 -1.90
CA VAL A 120 29.53 17.60 -2.53
C VAL A 120 28.19 18.24 -2.27
N GLU A 121 27.33 18.20 -3.27
CA GLU A 121 25.99 18.73 -3.15
C GLU A 121 25.05 17.56 -2.92
N LEU A 122 24.50 17.47 -1.72
CA LEU A 122 23.59 16.37 -1.39
C LEU A 122 22.48 16.74 -0.44
N VAL A 123 21.73 15.74 0.02
CA VAL A 123 20.63 16.00 0.93
C VAL A 123 21.04 15.77 2.37
N LYS A 124 20.49 16.58 3.27
CA LYS A 124 20.82 16.49 4.68
C LYS A 124 19.62 16.77 5.55
N GLU A 125 19.61 16.22 6.76
CA GLU A 125 18.55 16.44 7.76
C GLU A 125 18.93 17.71 8.54
N VAL A 126 18.12 18.75 8.42
CA VAL A 126 18.38 20.02 9.07
C VAL A 126 17.49 20.26 10.27
N SER A 127 18.01 20.98 11.25
CA SER A 127 17.28 21.31 12.47
C SER A 127 17.42 22.80 12.78
N LYS A 128 16.31 23.47 13.06
CA LYS A 128 16.33 24.90 13.37
C LYS A 128 15.39 25.17 14.55
N SER A 129 15.99 25.29 15.74
CA SER A 129 15.25 25.51 16.98
C SER A 129 15.22 26.94 17.50
N TYR A 130 14.05 27.36 18.00
CA TYR A 130 13.87 28.71 18.58
C TYR A 130 13.21 28.56 19.95
N PRO A 131 13.51 29.48 20.88
CA PRO A 131 12.91 29.40 22.21
C PRO A 131 11.41 29.59 22.03
N ILE A 132 10.62 29.01 22.94
CA ILE A 132 9.16 29.11 22.83
C ILE A 132 8.72 30.57 22.78
N SER A 133 8.68 31.20 23.94
CA SER A 133 8.28 32.61 24.10
C SER A 133 8.28 33.47 22.82
N GLU A 134 9.22 33.22 21.93
CA GLU A 134 9.32 33.98 20.68
C GLU A 134 8.15 33.69 19.73
N GLY A 135 7.18 32.91 20.22
CA GLY A 135 6.02 32.57 19.40
C GLY A 135 6.37 31.70 18.21
N PRO A 136 5.79 30.49 18.08
CA PRO A 136 6.08 29.59 16.96
C PRO A 136 5.67 30.22 15.65
N GLU A 137 5.31 31.50 15.70
CA GLU A 137 4.90 32.23 14.50
C GLU A 137 5.87 32.05 13.35
N ARG A 138 7.15 31.84 13.69
CA ARG A 138 8.18 31.64 12.67
C ARG A 138 8.36 30.14 12.45
N ALA A 139 8.56 29.40 13.54
CA ALA A 139 8.72 27.95 13.45
C ALA A 139 7.72 27.49 12.41
N ASN A 140 6.55 28.13 12.43
CA ASN A 140 5.52 27.79 11.48
C ASN A 140 5.83 28.27 10.08
N GLU A 141 6.01 29.58 9.92
CA GLU A 141 6.30 30.12 8.60
C GLU A 141 7.34 29.27 7.88
N LEU A 142 8.28 28.70 8.64
CA LEU A 142 9.33 27.85 8.07
C LEU A 142 8.62 26.64 7.49
N VAL A 143 7.95 25.87 8.36
CA VAL A 143 7.23 24.67 7.94
C VAL A 143 6.33 24.93 6.73
N GLU A 144 5.74 26.12 6.66
CA GLU A 144 4.85 26.43 5.53
C GLU A 144 5.55 26.76 4.22
N SER A 145 6.75 27.32 4.29
CA SER A 145 7.52 27.66 3.11
C SER A 145 8.04 26.37 2.47
N TYR A 146 8.46 25.46 3.33
CA TYR A 146 8.98 24.16 2.92
C TYR A 146 7.87 23.46 2.20
N ARG A 147 6.69 23.51 2.83
CA ARG A 147 5.50 22.84 2.31
C ARG A 147 4.90 23.32 0.99
N LYS A 148 5.24 24.52 0.51
CA LYS A 148 4.69 24.93 -0.78
C LYS A 148 5.78 25.32 -1.82
N ALA A 149 7.02 24.92 -1.54
CA ALA A 149 8.19 25.20 -2.39
C ALA A 149 8.36 24.29 -3.62
N SER A 150 8.11 22.99 -3.47
CA SER A 150 8.24 22.06 -4.57
C SER A 150 6.88 21.49 -4.97
N ASN A 151 6.73 21.06 -6.22
CA ASN A 151 5.45 20.52 -6.66
C ASN A 151 5.40 19.02 -6.51
N LYS A 152 6.51 18.42 -6.06
CA LYS A 152 6.56 16.99 -5.83
C LYS A 152 6.89 16.73 -4.36
N ALA A 153 6.61 15.52 -3.89
CA ALA A 153 6.87 15.21 -2.49
C ALA A 153 8.18 14.51 -2.31
N TYR A 154 9.16 14.83 -3.17
CA TYR A 154 10.47 14.21 -3.08
C TYR A 154 11.53 14.99 -3.83
N PHE A 155 12.77 14.57 -3.68
CA PHE A 155 13.90 15.21 -4.36
C PHE A 155 14.47 14.24 -5.37
N GLU A 156 14.55 14.69 -6.63
CA GLU A 156 15.14 13.85 -7.64
C GLU A 156 16.52 14.46 -7.73
N TRP A 157 17.54 13.61 -7.56
CA TRP A 157 18.91 14.12 -7.57
C TRP A 157 19.93 13.01 -7.80
N THR A 158 21.22 13.37 -7.95
CA THR A 158 22.24 12.37 -8.20
C THR A 158 23.51 12.48 -7.32
N ILE A 159 24.02 11.33 -6.91
CA ILE A 159 25.21 11.29 -6.08
C ILE A 159 26.11 10.15 -6.61
N GLU A 160 27.41 10.41 -6.68
CA GLU A 160 28.35 9.41 -7.19
C GLU A 160 28.49 8.25 -6.22
N ALA A 161 28.59 7.04 -6.76
CA ALA A 161 28.71 5.83 -5.95
C ALA A 161 29.52 5.86 -4.65
N ARG A 162 30.65 6.55 -4.64
CA ARG A 162 31.47 6.60 -3.43
C ARG A 162 30.90 7.58 -2.40
N ASP A 163 30.21 8.60 -2.90
CA ASP A 163 29.63 9.61 -2.03
C ASP A 163 28.39 9.17 -1.27
N LEU A 164 27.99 7.92 -1.42
CA LEU A 164 26.81 7.44 -0.72
C LEU A 164 27.10 7.40 0.80
N SER A 165 28.29 6.94 1.18
CA SER A 165 28.73 6.86 2.57
C SER A 165 28.75 8.22 3.28
N LEU A 166 28.76 9.30 2.51
CA LEU A 166 28.75 10.64 3.07
C LEU A 166 27.35 10.97 3.58
N LEU A 167 26.35 10.23 3.13
CA LEU A 167 25.00 10.51 3.57
C LEU A 167 24.87 10.16 5.02
N GLY A 168 24.16 11.00 5.77
CA GLY A 168 24.00 10.72 7.16
C GLY A 168 22.84 9.80 7.36
N SER A 169 23.05 8.74 8.12
CA SER A 169 22.03 7.74 8.47
C SER A 169 20.59 7.93 7.96
N HIS A 170 19.78 8.64 8.72
CA HIS A 170 18.41 8.88 8.30
C HIS A 170 18.26 9.13 6.79
N VAL A 171 18.90 10.17 6.27
CA VAL A 171 18.76 10.50 4.85
C VAL A 171 19.14 9.37 3.92
N ARG A 172 20.13 8.58 4.33
CA ARG A 172 20.60 7.46 3.53
C ARG A 172 19.60 6.32 3.45
N LYS A 173 19.07 5.89 4.58
CA LYS A 173 18.11 4.82 4.53
C LYS A 173 16.86 5.27 3.81
N ALA A 174 16.61 6.58 3.83
CA ALA A 174 15.41 7.12 3.18
C ALA A 174 15.61 7.39 1.70
N THR A 175 16.81 7.10 1.18
CA THR A 175 17.13 7.35 -0.22
C THR A 175 17.12 6.08 -1.04
N TYR A 176 16.54 6.14 -2.23
CA TYR A 176 16.45 4.95 -3.05
C TYR A 176 16.65 5.26 -4.49
N GLN A 177 17.03 4.24 -5.24
CA GLN A 177 17.20 4.38 -6.68
C GLN A 177 15.85 4.01 -7.27
N THR A 178 15.67 4.17 -8.59
CA THR A 178 14.37 3.89 -9.22
C THR A 178 14.47 3.20 -10.57
N TYR A 179 13.55 2.27 -10.84
CA TYR A 179 13.51 1.60 -12.12
C TYR A 179 12.29 2.16 -12.79
N ALA A 180 12.31 2.17 -14.11
CA ALA A 180 11.22 2.74 -14.85
C ALA A 180 10.40 1.73 -15.62
N PRO A 181 9.13 2.05 -15.83
CA PRO A 181 8.28 1.15 -16.57
C PRO A 181 8.80 1.19 -18.01
N ILE A 182 8.28 0.30 -18.85
CA ILE A 182 8.73 0.30 -20.22
C ILE A 182 7.55 0.79 -21.02
N LEU A 183 7.48 2.11 -21.14
CA LEU A 183 6.44 2.80 -21.87
C LEU A 183 6.51 2.44 -23.34
N TYR A 184 7.64 1.86 -23.74
CA TYR A 184 7.88 1.48 -25.14
C TYR A 184 7.09 0.24 -25.58
N GLU A 185 6.43 0.39 -26.74
CA GLU A 185 5.59 -0.66 -27.34
C GLU A 185 5.96 -1.25 -28.72
N ASN A 186 6.18 -2.57 -28.76
CA ASN A 186 6.48 -3.29 -30.00
C ASN A 186 5.15 -3.69 -30.64
N ASP A 187 5.08 -4.96 -31.04
CA ASP A 187 3.88 -5.53 -31.65
C ASP A 187 4.09 -6.93 -32.22
N HIS A 188 5.22 -7.56 -31.90
CA HIS A 188 5.54 -8.91 -32.36
C HIS A 188 4.30 -9.76 -32.11
N PHE A 189 3.37 -9.25 -31.30
CA PHE A 189 2.14 -9.98 -31.01
C PHE A 189 1.03 -9.67 -32.00
N PHE A 190 0.85 -8.40 -32.36
CA PHE A 190 -0.20 -8.06 -33.32
C PHE A 190 0.10 -8.69 -34.67
N ASP A 191 1.35 -9.12 -34.83
CA ASP A 191 1.82 -9.73 -36.05
C ASP A 191 1.65 -11.22 -36.10
N TYR A 192 2.27 -11.93 -35.15
CA TYR A 192 2.18 -13.38 -35.16
C TYR A 192 0.80 -13.86 -35.54
N MET A 193 -0.20 -13.01 -35.36
CA MET A 193 -1.57 -13.38 -35.74
C MET A 193 -1.86 -13.11 -37.22
N GLN A 194 -1.39 -11.98 -37.75
CA GLN A 194 -1.63 -11.64 -39.16
C GLN A 194 -0.90 -12.56 -40.13
N LYS A 195 -1.02 -13.86 -39.90
CA LYS A 195 -0.36 -14.84 -40.76
C LYS A 195 -1.17 -16.15 -40.85
N SER A 196 -2.36 -16.14 -40.26
CA SER A 196 -3.27 -17.29 -40.26
C SER A 196 -4.70 -16.88 -40.66
N LYS A 197 -5.11 -15.68 -40.26
CA LYS A 197 -6.46 -15.20 -40.58
C LYS A 197 -6.48 -14.02 -41.57
N PHE A 198 -7.69 -13.48 -41.77
CA PHE A 198 -7.97 -12.34 -42.67
C PHE A 198 -9.41 -11.95 -42.28
N HIS A 199 -9.77 -12.35 -41.07
CA HIS A 199 -11.08 -12.12 -40.48
C HIS A 199 -11.02 -12.52 -39.00
N LEU A 200 -10.21 -11.79 -38.23
CA LEU A 200 -10.09 -12.03 -36.81
C LEU A 200 -10.22 -10.68 -36.15
N THR A 201 -11.19 -10.62 -35.23
CA THR A 201 -11.59 -9.45 -34.43
C THR A 201 -10.52 -8.44 -33.99
N ILE A 202 -10.92 -7.18 -33.81
CA ILE A 202 -9.99 -6.16 -33.37
C ILE A 202 -9.61 -6.57 -31.93
N GLU A 203 -10.27 -7.63 -31.46
CA GLU A 203 -10.03 -8.18 -30.13
C GLU A 203 -9.01 -9.29 -30.25
N GLY A 204 -8.50 -9.47 -31.46
CA GLY A 204 -7.54 -10.51 -31.73
C GLY A 204 -6.55 -10.75 -30.61
N PRO A 205 -5.59 -9.83 -30.43
CA PRO A 205 -4.52 -9.83 -29.42
C PRO A 205 -5.00 -10.07 -27.98
N LYS A 206 -6.01 -9.30 -27.57
CA LYS A 206 -6.60 -9.43 -26.24
C LYS A 206 -6.92 -10.88 -25.91
N VAL A 207 -7.89 -11.39 -26.64
CA VAL A 207 -8.41 -12.75 -26.49
C VAL A 207 -7.35 -13.84 -26.50
N LEU A 208 -6.37 -13.69 -27.38
CA LEU A 208 -5.30 -14.66 -27.49
C LEU A 208 -4.29 -14.56 -26.32
N ALA A 209 -4.13 -13.34 -25.79
CA ALA A 209 -3.25 -13.07 -24.67
C ALA A 209 -3.88 -13.66 -23.39
N TYR A 210 -5.16 -13.41 -23.21
CA TYR A 210 -5.86 -13.95 -22.06
C TYR A 210 -5.85 -15.47 -22.06
N LEU A 211 -6.02 -16.08 -23.23
CA LEU A 211 -6.03 -17.54 -23.30
C LEU A 211 -4.62 -18.02 -23.10
N LEU A 212 -3.70 -17.28 -23.67
CA LEU A 212 -2.31 -17.63 -23.49
C LEU A 212 -1.97 -17.52 -22.02
N GLY A 213 -2.41 -16.42 -21.40
CA GLY A 213 -2.15 -16.26 -19.98
C GLY A 213 -2.82 -17.45 -19.34
N LEU A 214 -4.12 -17.58 -19.62
CA LEU A 214 -4.90 -18.67 -19.09
C LEU A 214 -4.17 -20.00 -19.24
N TRP A 215 -3.36 -20.14 -20.28
CA TRP A 215 -2.66 -21.39 -20.44
C TRP A 215 -1.47 -21.57 -19.50
N ILE A 216 -0.87 -20.47 -19.08
CA ILE A 216 0.30 -20.59 -18.22
C ILE A 216 -0.06 -21.03 -16.80
N GLY A 217 -1.20 -20.58 -16.29
CA GLY A 217 -1.62 -20.94 -14.95
C GLY A 217 -1.88 -22.43 -14.86
N ASP A 218 -3.15 -22.80 -14.81
CA ASP A 218 -3.45 -24.23 -14.81
C ASP A 218 -3.63 -24.70 -16.27
N GLY A 219 -2.51 -24.99 -16.92
CA GLY A 219 -2.55 -25.46 -18.29
C GLY A 219 -2.01 -26.87 -18.34
N LEU A 220 -1.83 -27.37 -19.56
CA LEU A 220 -1.31 -28.72 -19.83
C LEU A 220 -0.45 -28.58 -21.09
N SER A 221 0.68 -29.28 -21.12
CA SER A 221 1.61 -29.21 -22.25
C SER A 221 1.68 -30.40 -23.23
N ASP A 222 0.88 -30.33 -24.29
CA ASP A 222 0.78 -31.32 -25.38
C ASP A 222 -0.55 -31.15 -26.11
N ARG A 223 -1.37 -30.25 -25.55
CA ARG A 223 -2.69 -29.95 -26.07
C ARG A 223 -3.14 -28.62 -25.48
N ALA A 224 -3.94 -27.88 -26.25
CA ALA A 224 -4.48 -26.61 -25.81
C ALA A 224 -5.55 -26.91 -24.77
N THR A 225 -5.30 -27.95 -23.97
CA THR A 225 -6.19 -28.37 -22.89
C THR A 225 -5.62 -27.80 -21.59
N PHE A 226 -6.49 -27.27 -20.73
CA PHE A 226 -6.04 -26.71 -19.47
C PHE A 226 -7.03 -26.79 -18.30
N SER A 227 -6.64 -27.57 -17.29
CA SER A 227 -7.41 -27.82 -16.07
C SER A 227 -7.92 -26.55 -15.38
N VAL A 228 -9.12 -26.13 -15.77
CA VAL A 228 -9.78 -24.93 -15.23
C VAL A 228 -10.80 -25.25 -14.15
N ASP A 229 -11.07 -24.25 -13.33
CA ASP A 229 -12.02 -24.39 -12.23
C ASP A 229 -13.47 -24.32 -12.67
N SER A 230 -14.29 -25.18 -12.08
CA SER A 230 -15.72 -25.23 -12.37
C SER A 230 -16.49 -24.21 -11.54
N ARG A 231 -16.10 -24.07 -10.28
CA ARG A 231 -16.72 -23.15 -9.32
C ARG A 231 -16.87 -21.69 -9.82
N ASP A 232 -16.01 -21.26 -10.72
CA ASP A 232 -16.05 -19.88 -11.25
C ASP A 232 -16.96 -19.65 -12.48
N THR A 233 -18.23 -19.36 -12.24
CA THR A 233 -19.17 -19.16 -13.35
C THR A 233 -19.14 -17.79 -14.06
N SER A 234 -17.93 -17.26 -14.20
CA SER A 234 -17.70 -15.97 -14.86
C SER A 234 -16.45 -16.21 -15.68
N LEU A 235 -15.58 -17.00 -15.07
CA LEU A 235 -14.34 -17.42 -15.68
C LEU A 235 -14.84 -18.27 -16.85
N MET A 236 -15.73 -19.21 -16.53
CA MET A 236 -16.35 -20.11 -17.51
C MET A 236 -16.84 -19.38 -18.74
N GLU A 237 -17.66 -18.36 -18.51
CA GLU A 237 -18.20 -17.58 -19.60
C GLU A 237 -17.07 -16.91 -20.35
N ARG A 238 -16.21 -16.21 -19.59
CA ARG A 238 -15.06 -15.50 -20.16
C ARG A 238 -14.26 -16.42 -21.08
N VAL A 239 -13.89 -17.60 -20.54
CA VAL A 239 -13.14 -18.63 -21.25
C VAL A 239 -13.82 -19.03 -22.54
N THR A 240 -15.09 -19.34 -22.42
CA THR A 240 -15.90 -19.75 -23.56
C THR A 240 -15.98 -18.59 -24.54
N GLU A 241 -16.67 -17.53 -24.15
CA GLU A 241 -16.84 -16.35 -24.98
C GLU A 241 -15.56 -15.91 -25.67
N TYR A 242 -14.43 -16.23 -25.06
CA TYR A 242 -13.13 -15.86 -25.62
C TYR A 242 -12.64 -16.96 -26.52
N ALA A 243 -12.96 -18.19 -26.17
CA ALA A 243 -12.55 -19.31 -27.00
C ALA A 243 -13.13 -19.15 -28.42
N GLU A 244 -14.35 -18.66 -28.50
CA GLU A 244 -14.96 -18.47 -29.79
C GLU A 244 -14.40 -17.22 -30.50
N LYS A 245 -14.03 -16.21 -29.71
CA LYS A 245 -13.50 -14.95 -30.23
C LYS A 245 -12.37 -15.16 -31.23
N LEU A 246 -11.60 -16.23 -31.02
CA LEU A 246 -10.51 -16.54 -31.93
C LEU A 246 -11.12 -17.36 -33.05
N ASN A 247 -11.83 -18.42 -32.65
CA ASN A 247 -12.51 -19.40 -33.51
C ASN A 247 -12.27 -20.78 -32.88
N LEU A 248 -13.05 -21.10 -31.84
CA LEU A 248 -12.92 -22.39 -31.15
C LEU A 248 -14.08 -22.56 -30.16
N CYS A 249 -14.71 -23.74 -30.09
CA CYS A 249 -15.79 -23.93 -29.10
C CYS A 249 -14.96 -24.55 -27.96
N ALA A 250 -15.32 -24.24 -26.72
CA ALA A 250 -14.59 -24.74 -25.57
C ALA A 250 -15.33 -25.90 -24.94
N GLU A 251 -15.34 -27.02 -25.64
CA GLU A 251 -16.00 -28.21 -25.15
C GLU A 251 -15.20 -28.61 -23.92
N TYR A 252 -15.79 -29.42 -23.05
CA TYR A 252 -15.15 -29.87 -21.82
C TYR A 252 -15.97 -30.94 -21.11
N LYS A 253 -15.84 -30.99 -19.79
CA LYS A 253 -16.60 -31.95 -19.01
C LYS A 253 -17.83 -31.19 -18.50
N ASP A 254 -18.07 -31.19 -17.19
CA ASP A 254 -19.21 -30.49 -16.57
C ASP A 254 -20.45 -31.39 -16.42
N ARG A 255 -21.25 -31.15 -15.38
CA ARG A 255 -22.44 -31.97 -15.10
C ARG A 255 -22.22 -33.45 -15.51
N LYS A 256 -21.00 -33.89 -15.17
CA LYS A 256 -20.44 -35.22 -15.37
C LYS A 256 -18.92 -35.03 -15.17
N GLU A 257 -18.40 -35.56 -14.05
CA GLU A 257 -16.98 -35.49 -13.63
C GLU A 257 -16.85 -34.76 -12.27
N PRO A 258 -17.24 -35.42 -11.15
CA PRO A 258 -17.16 -34.83 -9.79
C PRO A 258 -15.74 -34.45 -9.25
N GLN A 259 -15.56 -33.14 -9.04
CA GLN A 259 -14.33 -32.52 -8.52
C GLN A 259 -14.46 -31.02 -8.86
N VAL A 260 -13.50 -30.22 -8.40
CA VAL A 260 -13.55 -28.78 -8.66
C VAL A 260 -12.70 -28.32 -9.86
N ALA A 261 -11.60 -29.04 -10.12
CA ALA A 261 -10.70 -28.72 -11.23
C ALA A 261 -11.14 -29.37 -12.56
N LYS A 262 -12.15 -28.80 -13.21
CA LYS A 262 -12.66 -29.34 -14.48
C LYS A 262 -11.76 -29.15 -15.69
N THR A 263 -11.21 -30.26 -16.18
CA THR A 263 -10.36 -30.24 -17.36
C THR A 263 -11.18 -29.63 -18.49
N VAL A 264 -10.54 -28.80 -19.32
CA VAL A 264 -11.23 -28.14 -20.44
C VAL A 264 -10.42 -28.31 -21.69
N ASN A 265 -11.08 -28.62 -22.80
CA ASN A 265 -10.36 -28.79 -24.05
C ASN A 265 -10.87 -27.74 -25.03
N LEU A 266 -9.94 -27.14 -25.77
CA LEU A 266 -10.27 -26.10 -26.75
C LEU A 266 -9.87 -26.55 -28.15
N TYR A 267 -10.91 -26.79 -28.97
CA TYR A 267 -10.79 -27.27 -30.35
C TYR A 267 -11.03 -26.19 -31.43
N SER A 268 -10.81 -26.55 -32.70
CA SER A 268 -10.99 -25.62 -33.83
C SER A 268 -12.41 -25.62 -34.50
N LYS A 269 -13.37 -26.33 -33.88
CA LYS A 269 -14.76 -26.45 -34.35
C LYS A 269 -15.10 -25.50 -35.52
N GLU A 283 -1.33 -27.36 -35.43
CA GLU A 283 -2.75 -27.48 -35.75
C GLU A 283 -3.59 -26.32 -35.19
N ASN A 284 -4.45 -26.58 -34.19
CA ASN A 284 -5.30 -25.53 -33.61
C ASN A 284 -4.51 -24.29 -33.20
N PRO A 285 -4.72 -23.19 -33.94
CA PRO A 285 -4.10 -21.88 -33.75
C PRO A 285 -3.75 -21.48 -32.33
N LEU A 286 -4.33 -22.15 -31.34
CA LEU A 286 -4.01 -21.81 -29.97
C LEU A 286 -2.64 -22.41 -29.68
N TRP A 287 -2.51 -23.72 -29.94
CA TRP A 287 -1.25 -24.39 -29.71
C TRP A 287 -0.22 -23.90 -30.73
N ASP A 288 -0.71 -23.28 -31.81
CA ASP A 288 0.18 -22.72 -32.83
C ASP A 288 0.81 -21.46 -32.21
N ALA A 289 0.04 -20.75 -31.41
CA ALA A 289 0.53 -19.55 -30.74
C ALA A 289 1.46 -19.96 -29.57
N ILE A 290 1.00 -20.87 -28.73
CA ILE A 290 1.83 -21.33 -27.61
C ILE A 290 3.27 -21.70 -28.06
N VAL A 291 3.45 -22.02 -29.33
CA VAL A 291 4.78 -22.41 -29.85
C VAL A 291 5.47 -21.37 -30.73
N GLY A 292 4.74 -20.81 -31.68
CA GLY A 292 5.31 -19.79 -32.54
C GLY A 292 5.97 -18.76 -31.65
N LEU A 293 5.17 -18.12 -30.80
CA LEU A 293 5.65 -17.10 -29.86
C LEU A 293 6.36 -17.71 -28.64
N GLY A 294 6.36 -19.04 -28.57
CA GLY A 294 7.07 -19.77 -27.53
C GLY A 294 6.74 -19.63 -26.06
N PHE A 295 5.50 -19.98 -25.70
CA PHE A 295 5.09 -19.94 -24.31
C PHE A 295 5.32 -21.36 -23.76
N LEU A 296 6.21 -22.07 -24.46
CA LEU A 296 6.56 -23.44 -24.12
C LEU A 296 7.94 -23.73 -24.68
N LYS A 297 8.92 -22.97 -24.25
CA LYS A 297 10.29 -23.12 -24.71
C LYS A 297 10.88 -24.43 -24.18
N ASP A 298 11.09 -25.36 -25.10
CA ASP A 298 11.66 -26.68 -24.83
C ASP A 298 11.23 -27.43 -23.57
N GLY A 299 10.16 -28.22 -23.70
CA GLY A 299 9.68 -29.03 -22.59
C GLY A 299 8.81 -28.42 -21.50
N VAL A 300 9.39 -27.48 -20.75
CA VAL A 300 8.67 -26.82 -19.67
C VAL A 300 8.08 -25.52 -20.18
N LYS A 301 6.99 -25.09 -19.55
CA LYS A 301 6.35 -23.86 -19.96
C LYS A 301 7.39 -22.72 -19.88
N ASN A 302 7.05 -21.55 -20.40
CA ASN A 302 7.99 -20.46 -20.37
C ASN A 302 7.42 -19.09 -20.72
N ILE A 303 7.95 -18.05 -20.09
CA ILE A 303 7.49 -16.70 -20.40
C ILE A 303 8.50 -16.13 -21.37
N PRO A 304 8.01 -15.74 -22.56
CA PRO A 304 8.85 -15.17 -23.61
C PRO A 304 9.26 -13.78 -23.13
N SER A 305 10.49 -13.39 -23.40
CA SER A 305 10.94 -12.07 -22.95
C SER A 305 10.53 -10.96 -23.91
N PHE A 306 10.12 -11.30 -25.13
CA PHE A 306 9.70 -10.28 -26.11
C PHE A 306 8.45 -9.54 -25.65
N LEU A 307 7.71 -10.19 -24.75
CA LEU A 307 6.44 -9.72 -24.22
C LEU A 307 6.62 -8.50 -23.32
N SER A 308 7.80 -8.40 -22.68
CA SER A 308 8.14 -7.30 -21.77
C SER A 308 8.04 -5.93 -22.42
N THR A 309 8.49 -5.87 -23.66
CA THR A 309 8.50 -4.62 -24.40
C THR A 309 7.39 -4.58 -25.45
N ASP A 310 6.49 -5.55 -25.39
CA ASP A 310 5.39 -5.63 -26.34
C ASP A 310 4.24 -4.66 -26.02
N ASN A 311 3.21 -4.64 -26.86
CA ASN A 311 2.09 -3.73 -26.66
C ASN A 311 1.42 -3.95 -25.33
N ILE A 312 1.44 -2.89 -24.51
CA ILE A 312 0.88 -2.88 -23.16
C ILE A 312 -0.36 -3.73 -22.89
N GLY A 313 -1.52 -3.29 -23.35
CA GLY A 313 -2.73 -4.08 -23.14
C GLY A 313 -2.49 -5.59 -23.26
N THR A 314 -1.66 -5.99 -24.20
CA THR A 314 -1.42 -7.40 -24.36
C THR A 314 -0.67 -7.82 -23.13
N ARG A 315 0.21 -6.93 -22.67
CA ARG A 315 0.96 -7.21 -21.45
C ARG A 315 -0.04 -7.38 -20.28
N GLU A 316 -0.87 -6.37 -20.05
CA GLU A 316 -1.84 -6.45 -18.98
C GLU A 316 -2.80 -7.62 -19.19
N THR A 317 -3.35 -7.74 -20.41
CA THR A 317 -4.32 -8.81 -20.71
C THR A 317 -3.76 -10.20 -20.50
N PHE A 318 -2.54 -10.43 -20.95
CA PHE A 318 -1.94 -11.74 -20.78
C PHE A 318 -1.84 -11.97 -19.31
N LEU A 319 -1.42 -10.92 -18.62
CA LEU A 319 -1.25 -10.95 -17.18
C LEU A 319 -2.55 -11.34 -16.54
N ALA A 320 -3.63 -10.67 -16.96
CA ALA A 320 -4.97 -10.93 -16.43
C ALA A 320 -5.25 -12.44 -16.44
N GLY A 321 -5.00 -13.07 -17.60
CA GLY A 321 -5.22 -14.50 -17.71
C GLY A 321 -4.48 -15.26 -16.64
N LEU A 322 -3.17 -15.10 -16.60
CA LEU A 322 -2.38 -15.80 -15.62
C LEU A 322 -2.90 -15.70 -14.18
N ILE A 323 -3.40 -14.53 -13.79
CA ILE A 323 -3.92 -14.34 -12.45
C ILE A 323 -5.20 -15.15 -12.38
N ASP A 324 -6.13 -14.85 -13.28
CA ASP A 324 -7.40 -15.57 -13.34
C ASP A 324 -7.15 -17.07 -13.25
N SER A 325 -6.06 -17.55 -13.84
CA SER A 325 -5.73 -18.97 -13.84
C SER A 325 -5.36 -19.55 -12.48
N ASP A 326 -4.22 -19.16 -11.93
CA ASP A 326 -3.84 -19.69 -10.63
C ASP A 326 -3.29 -18.63 -9.66
N GLY A 327 -3.66 -17.37 -9.90
CA GLY A 327 -3.25 -16.31 -9.00
C GLY A 327 -4.40 -16.04 -8.05
N TYR A 328 -4.19 -15.14 -7.09
CA TYR A 328 -5.24 -14.77 -6.14
C TYR A 328 -5.01 -13.34 -5.70
N VAL A 329 -6.08 -12.61 -5.48
CA VAL A 329 -5.99 -11.22 -5.11
C VAL A 329 -6.48 -10.93 -3.68
N THR A 330 -5.63 -10.26 -2.89
CA THR A 330 -5.94 -9.92 -1.51
C THR A 330 -5.86 -8.43 -1.45
N ASP A 331 -6.72 -7.82 -0.64
CA ASP A 331 -6.79 -6.36 -0.48
C ASP A 331 -6.52 -5.72 0.91
N GLU A 332 -5.90 -6.46 1.82
CA GLU A 332 -5.59 -5.96 3.17
C GLU A 332 -4.97 -4.57 3.29
N HIS A 333 -3.73 -4.42 2.86
CA HIS A 333 -3.06 -3.14 2.99
C HIS A 333 -2.83 -2.53 1.66
N GLY A 334 -3.85 -2.75 0.83
CA GLY A 334 -3.84 -2.27 -0.52
C GLY A 334 -4.00 -3.48 -1.43
N ILE A 335 -4.40 -3.21 -2.66
CA ILE A 335 -4.61 -4.25 -3.63
C ILE A 335 -3.28 -4.90 -3.98
N LYS A 336 -3.29 -6.20 -4.23
CA LYS A 336 -2.06 -6.84 -4.58
C LYS A 336 -2.42 -8.24 -4.98
N ALA A 337 -1.79 -8.70 -6.05
CA ALA A 337 -2.02 -10.04 -6.59
C ALA A 337 -0.80 -10.96 -6.53
N THR A 338 -1.03 -12.18 -6.07
CA THR A 338 0.00 -13.19 -5.96
C THR A 338 -0.25 -14.25 -7.04
N ILE A 339 0.82 -14.76 -7.64
CA ILE A 339 0.71 -15.84 -8.64
C ILE A 339 1.69 -16.92 -8.23
N LYS A 340 1.47 -18.13 -8.69
CA LYS A 340 2.38 -19.20 -8.35
C LYS A 340 2.89 -19.91 -9.62
N THR A 341 4.09 -20.47 -9.51
CA THR A 341 4.74 -21.20 -10.60
C THR A 341 5.84 -22.04 -9.97
N ILE A 342 6.36 -23.00 -10.72
CA ILE A 342 7.43 -23.87 -10.22
C ILE A 342 8.60 -23.61 -11.14
N HIS A 343 8.26 -23.50 -12.40
CA HIS A 343 9.22 -23.27 -13.45
C HIS A 343 9.80 -21.87 -13.35
N THR A 344 11.05 -21.77 -12.95
CA THR A 344 11.67 -20.48 -12.82
C THR A 344 11.67 -19.80 -14.19
N SER A 345 11.64 -20.63 -15.23
CA SER A 345 11.63 -20.15 -16.62
C SER A 345 10.41 -19.28 -16.87
N VAL A 346 9.51 -19.31 -15.89
CA VAL A 346 8.26 -18.55 -15.92
C VAL A 346 8.37 -17.43 -14.88
N ARG A 347 8.78 -17.81 -13.67
CA ARG A 347 8.92 -16.84 -12.62
C ARG A 347 9.66 -15.66 -13.24
N ASP A 348 10.94 -15.88 -13.51
CA ASP A 348 11.78 -14.83 -14.10
C ASP A 348 11.06 -14.17 -15.27
N GLY A 349 10.21 -14.93 -15.95
CA GLY A 349 9.53 -14.32 -17.06
C GLY A 349 8.52 -13.29 -16.63
N LEU A 350 7.74 -13.64 -15.61
CA LEU A 350 6.68 -12.81 -15.07
C LEU A 350 7.22 -11.61 -14.34
N VAL A 351 8.23 -11.85 -13.52
CA VAL A 351 8.88 -10.81 -12.73
C VAL A 351 9.33 -9.61 -13.57
N SER A 352 9.41 -9.79 -14.89
CA SER A 352 9.82 -8.72 -15.77
C SER A 352 8.64 -8.21 -16.59
N LEU A 353 7.77 -9.12 -16.97
CA LEU A 353 6.59 -8.70 -17.74
C LEU A 353 5.84 -7.81 -16.76
N ALA A 354 6.00 -8.12 -15.47
CA ALA A 354 5.34 -7.37 -14.44
C ALA A 354 5.92 -5.95 -14.43
N ARG A 355 7.20 -5.85 -14.08
CA ARG A 355 7.84 -4.54 -14.04
C ARG A 355 7.67 -3.74 -15.33
N SER A 356 7.79 -4.40 -16.47
CA SER A 356 7.62 -3.72 -17.74
C SER A 356 6.41 -2.75 -17.71
N LEU A 357 5.36 -3.10 -16.98
CA LEU A 357 4.15 -2.29 -16.85
C LEU A 357 4.20 -1.15 -15.82
N GLY A 358 4.89 -1.39 -14.71
CA GLY A 358 4.99 -0.37 -13.67
C GLY A 358 4.64 -0.92 -12.29
N LEU A 359 4.25 -2.19 -12.23
CA LEU A 359 3.89 -2.85 -10.99
C LEU A 359 5.14 -2.95 -10.13
N VAL A 360 4.94 -3.15 -8.84
CA VAL A 360 6.03 -3.31 -7.89
C VAL A 360 6.05 -4.80 -7.68
N VAL A 361 7.21 -5.44 -7.67
CA VAL A 361 7.24 -6.89 -7.51
C VAL A 361 8.26 -7.50 -6.56
N SER A 362 7.92 -8.67 -6.02
CA SER A 362 8.80 -9.41 -5.12
C SER A 362 8.49 -10.90 -5.22
N VAL A 363 9.49 -11.75 -5.01
CA VAL A 363 9.27 -13.19 -5.10
C VAL A 363 9.72 -13.89 -3.83
N ASN A 364 8.96 -14.92 -3.47
CA ASN A 364 9.16 -15.72 -2.26
C ASN A 364 9.09 -17.18 -2.67
N ALA A 365 10.02 -18.01 -2.22
CA ALA A 365 10.00 -19.43 -2.58
C ALA A 365 9.39 -20.26 -1.45
N GLU A 366 8.39 -21.07 -1.80
CA GLU A 366 7.69 -21.93 -0.84
C GLU A 366 7.99 -23.43 -1.04
N PRO A 367 7.23 -24.32 -0.36
CA PRO A 367 7.41 -25.78 -0.46
C PRO A 367 7.06 -26.39 -1.83
N ILE A 379 10.57 -25.47 -4.30
CA ILE A 379 9.87 -26.10 -5.41
C ILE A 379 8.78 -25.19 -5.98
N SER A 380 8.13 -24.41 -5.12
CA SER A 380 7.06 -23.50 -5.53
C SER A 380 7.48 -22.03 -5.41
N TYR A 381 7.17 -21.23 -6.41
CA TYR A 381 7.54 -19.82 -6.37
C TYR A 381 6.33 -18.93 -6.24
N ALA A 382 6.54 -17.73 -5.72
CA ALA A 382 5.47 -16.77 -5.54
C ALA A 382 5.84 -15.35 -6.01
N ILE A 383 5.00 -14.76 -6.86
CA ILE A 383 5.25 -13.42 -7.36
C ILE A 383 4.20 -12.44 -6.85
N TYR A 384 4.59 -11.59 -5.90
CA TYR A 384 3.67 -10.62 -5.33
C TYR A 384 3.77 -9.35 -6.17
N MET A 385 2.62 -8.86 -6.63
CA MET A 385 2.60 -7.67 -7.46
C MET A 385 1.71 -6.65 -6.81
N SER A 386 2.00 -5.36 -7.04
CA SER A 386 1.18 -4.31 -6.46
C SER A 386 1.43 -3.01 -7.22
N GLY A 387 0.60 -2.00 -6.94
CA GLY A 387 0.78 -0.76 -7.62
C GLY A 387 -0.39 0.16 -7.82
N GLY A 388 -1.52 -0.07 -7.16
CA GLY A 388 -2.64 0.83 -7.33
C GLY A 388 -3.28 0.79 -8.71
N ASP A 389 -3.40 1.93 -9.39
CA ASP A 389 -4.01 1.93 -10.71
C ASP A 389 -3.29 1.00 -11.69
N VAL A 390 -1.97 1.03 -11.72
CA VAL A 390 -1.29 0.17 -12.64
C VAL A 390 -1.81 -1.23 -12.47
N LEU A 391 -2.00 -1.70 -11.24
CA LEU A 391 -2.51 -3.07 -11.02
C LEU A 391 -3.99 -3.20 -11.39
N LEU A 392 -4.77 -2.15 -11.14
CA LEU A 392 -6.16 -2.17 -11.51
C LEU A 392 -6.28 -2.40 -13.03
N ASN A 393 -5.66 -1.53 -13.83
CA ASN A 393 -5.68 -1.65 -15.28
C ASN A 393 -5.49 -3.08 -15.71
N VAL A 394 -4.74 -3.83 -14.91
CA VAL A 394 -4.46 -5.23 -15.20
C VAL A 394 -5.53 -6.16 -14.63
N LEU A 395 -6.22 -5.77 -13.57
CA LEU A 395 -7.23 -6.63 -12.95
C LEU A 395 -8.65 -6.34 -13.41
N SER A 396 -8.87 -5.28 -14.16
CA SER A 396 -10.22 -5.01 -14.59
C SER A 396 -10.46 -5.80 -15.86
N LYS A 397 -9.45 -6.57 -16.26
CA LYS A 397 -9.50 -7.40 -17.46
C LYS A 397 -9.66 -8.87 -17.06
N CYS A 398 -9.48 -9.18 -15.79
CA CYS A 398 -9.68 -10.55 -15.28
C CYS A 398 -11.20 -10.82 -15.24
N ALA A 399 -11.60 -12.07 -15.05
CA ALA A 399 -13.04 -12.35 -15.02
C ALA A 399 -13.47 -13.27 -13.89
N GLY A 400 -12.49 -13.85 -13.20
CA GLY A 400 -12.77 -14.76 -12.10
C GLY A 400 -13.35 -14.19 -10.81
N SER A 401 -14.57 -14.60 -10.50
CA SER A 401 -15.27 -14.15 -9.31
C SER A 401 -14.50 -13.21 -8.38
N LYS A 402 -13.52 -13.74 -7.68
CA LYS A 402 -12.74 -13.00 -6.70
C LYS A 402 -11.45 -12.29 -7.14
N LYS A 403 -11.27 -12.17 -8.46
CA LYS A 403 -10.09 -11.53 -9.02
C LYS A 403 -10.36 -10.24 -9.77
N PHE A 404 -11.57 -10.06 -10.26
CA PHE A 404 -11.89 -8.84 -10.97
C PHE A 404 -11.67 -7.68 -10.02
N ARG A 405 -11.76 -6.46 -10.53
CA ARG A 405 -11.63 -5.21 -9.78
C ARG A 405 -11.93 -4.10 -10.81
N PRO A 406 -12.80 -3.15 -10.48
CA PRO A 406 -13.08 -2.10 -11.47
C PRO A 406 -11.82 -1.37 -11.91
N ALA A 407 -11.81 -0.89 -13.15
CA ALA A 407 -10.64 -0.18 -13.70
C ALA A 407 -10.36 1.14 -12.97
N PRO A 408 -9.23 1.78 -13.26
CA PRO A 408 -9.01 3.05 -12.55
C PRO A 408 -10.18 4.03 -12.66
N ALA A 409 -10.21 5.01 -11.76
CA ALA A 409 -11.29 6.01 -11.71
C ALA A 409 -11.00 7.25 -12.53
N ALA A 410 -9.76 7.38 -12.98
CA ALA A 410 -9.36 8.50 -13.80
C ALA A 410 -8.17 8.02 -14.60
N ALA A 411 -7.40 8.96 -15.13
CA ALA A 411 -6.22 8.60 -15.92
C ALA A 411 -5.10 8.35 -14.94
N PHE A 412 -4.21 7.44 -15.28
CA PHE A 412 -3.11 7.16 -14.39
C PHE A 412 -1.79 6.98 -15.14
N ALA A 413 -0.73 7.58 -14.59
CA ALA A 413 0.62 7.51 -15.13
C ALA A 413 1.37 6.36 -14.53
N ARG A 414 2.32 5.81 -15.27
CA ARG A 414 3.12 4.71 -14.74
C ARG A 414 4.46 5.22 -14.18
N GLU A 415 4.38 5.89 -13.03
CA GLU A 415 5.54 6.46 -12.36
C GLU A 415 6.66 5.46 -12.15
N CYS A 416 7.88 5.97 -11.97
CA CYS A 416 9.01 5.09 -11.74
C CYS A 416 8.84 4.56 -10.33
N ARG A 417 9.34 3.37 -10.09
CA ARG A 417 9.19 2.78 -8.78
C ARG A 417 10.48 2.77 -8.03
N GLY A 418 10.45 3.06 -6.74
CA GLY A 418 11.71 3.07 -6.02
C GLY A 418 12.17 1.72 -5.50
N PHE A 419 13.42 1.68 -5.06
CA PHE A 419 13.99 0.50 -4.43
C PHE A 419 15.24 0.82 -3.62
N TYR A 420 15.15 0.64 -2.32
CA TYR A 420 16.28 0.92 -1.43
C TYR A 420 17.35 -0.14 -1.75
N PHE A 421 18.62 0.10 -1.43
CA PHE A 421 19.68 -0.83 -1.82
C PHE A 421 20.97 -0.94 -0.95
N GLU A 422 21.84 -1.85 -1.39
CA GLU A 422 23.12 -2.11 -0.74
C GLU A 422 24.27 -1.77 -1.72
N LEU A 423 25.27 -1.06 -1.22
CA LEU A 423 26.45 -0.68 -2.03
C LEU A 423 27.69 -1.25 -1.38
N GLN A 424 28.41 -2.07 -2.13
CA GLN A 424 29.61 -2.73 -1.63
C GLN A 424 30.85 -2.34 -2.42
N GLU A 425 31.86 -1.79 -1.73
CA GLU A 425 33.10 -1.37 -2.39
C GLU A 425 33.83 -2.59 -2.92
N LEU A 426 34.24 -2.51 -4.18
CA LEU A 426 34.93 -3.60 -4.84
C LEU A 426 36.29 -3.22 -5.43
N LYS A 427 37.20 -4.19 -5.46
CA LYS A 427 38.56 -4.03 -5.97
C LYS A 427 38.73 -2.99 -7.07
N GLU A 428 39.30 -3.41 -8.19
CA GLU A 428 39.51 -2.50 -9.28
C GLU A 428 39.29 -3.27 -10.57
N ASP A 429 39.02 -2.57 -11.65
CA ASP A 429 38.80 -3.24 -12.91
C ASP A 429 38.48 -2.24 -13.99
N ASP A 430 38.29 -2.76 -15.20
CA ASP A 430 37.95 -1.98 -16.38
C ASP A 430 36.48 -1.57 -16.29
N TYR A 431 36.06 -0.67 -17.15
CA TYR A 431 34.68 -0.21 -17.12
C TYR A 431 34.35 0.46 -18.43
N TYR A 432 33.06 0.58 -18.74
CA TYR A 432 32.70 1.17 -20.00
C TYR A 432 31.45 2.00 -19.88
N GLY A 433 31.60 3.30 -20.06
CA GLY A 433 30.47 4.20 -20.00
C GLY A 433 29.89 4.32 -21.39
N ILE A 434 28.78 5.03 -21.51
CA ILE A 434 28.11 5.19 -22.79
C ILE A 434 27.65 6.64 -23.02
N THR A 435 28.39 7.61 -22.46
CA THR A 435 28.05 9.04 -22.57
C THR A 435 27.02 9.38 -23.67
N LEU A 436 25.89 9.99 -23.27
CA LEU A 436 24.85 10.36 -24.23
C LEU A 436 25.13 11.76 -24.75
N SER A 437 24.17 12.34 -25.47
CA SER A 437 24.34 13.67 -26.04
C SER A 437 24.51 14.77 -24.98
N ASP A 438 24.17 16.00 -25.35
CA ASP A 438 24.26 17.14 -24.44
C ASP A 438 22.89 17.82 -24.35
N ASP A 439 21.98 17.50 -25.26
CA ASP A 439 20.64 18.08 -25.22
C ASP A 439 19.61 17.02 -24.77
N SER A 440 20.10 15.97 -24.12
CA SER A 440 19.24 14.88 -23.63
C SER A 440 19.26 14.78 -22.11
N ASP A 441 18.39 13.93 -21.56
CA ASP A 441 18.30 13.75 -20.12
C ASP A 441 19.56 13.17 -19.45
N HIS A 442 20.35 12.40 -20.20
CA HIS A 442 21.58 11.78 -19.66
C HIS A 442 21.31 10.52 -18.86
N GLN A 443 20.07 10.06 -18.93
CA GLN A 443 19.67 8.85 -18.24
C GLN A 443 19.21 7.89 -19.33
N PHE A 444 19.41 6.61 -19.08
CA PHE A 444 18.97 5.59 -20.00
C PHE A 444 18.66 4.36 -19.12
N LEU A 445 17.91 3.39 -19.65
CA LEU A 445 17.51 2.24 -18.85
C LEU A 445 18.43 1.05 -18.91
N LEU A 446 18.80 0.48 -17.78
CA LEU A 446 19.61 -0.72 -17.84
C LEU A 446 18.66 -1.79 -18.36
N ALA A 447 19.16 -3.00 -18.48
CA ALA A 447 18.34 -4.10 -18.96
C ALA A 447 17.23 -4.42 -17.98
N ASN A 448 17.52 -4.30 -16.70
CA ASN A 448 16.57 -4.61 -15.64
C ASN A 448 15.67 -3.45 -15.29
N GLN A 449 15.47 -2.55 -16.24
CA GLN A 449 14.59 -1.41 -16.06
C GLN A 449 15.09 -0.33 -15.14
N VAL A 450 16.21 -0.60 -14.45
CA VAL A 450 16.80 0.35 -13.50
C VAL A 450 17.27 1.61 -14.26
N VAL A 451 16.99 2.80 -13.72
CA VAL A 451 17.42 4.04 -14.37
C VAL A 451 18.76 4.58 -13.88
N VAL A 452 19.81 4.37 -14.68
CA VAL A 452 21.15 4.86 -14.38
C VAL A 452 21.42 6.16 -15.14
N HIS A 453 22.42 6.90 -14.65
CA HIS A 453 22.80 8.16 -15.25
C HIS A 453 24.01 7.93 -16.17
N ASN A 454 24.05 8.64 -17.30
CA ASN A 454 25.16 8.48 -18.24
C ASN A 454 26.48 8.95 -17.63
N SER B 1 -31.33 1.74 13.42
CA SER B 1 -31.69 0.89 14.53
C SER B 1 -30.96 -0.44 14.40
N PHE B 2 -30.45 -0.93 15.51
CA PHE B 2 -29.65 -2.14 15.54
C PHE B 2 -30.03 -2.98 16.75
N ALA B 3 -29.37 -4.15 16.83
CA ALA B 3 -29.54 -5.10 17.92
C ALA B 3 -29.27 -4.43 19.27
N LYS B 4 -29.64 -5.11 20.34
CA LYS B 4 -29.43 -4.58 21.68
C LYS B 4 -28.02 -4.94 22.10
N GLY B 5 -27.37 -4.09 22.89
CA GLY B 5 -26.01 -4.37 23.32
C GLY B 5 -24.94 -3.80 22.41
N THR B 6 -25.36 -3.27 21.26
CA THR B 6 -24.46 -2.67 20.30
C THR B 6 -23.87 -1.51 21.06
N ASN B 7 -22.55 -1.54 21.27
CA ASN B 7 -21.89 -0.47 21.98
C ASN B 7 -21.79 0.70 21.05
N VAL B 8 -22.01 1.90 21.57
CA VAL B 8 -21.93 3.13 20.79
C VAL B 8 -20.80 3.97 21.39
N LEU B 9 -20.31 4.99 20.67
CA LEU B 9 -19.22 5.84 21.17
C LEU B 9 -19.77 7.20 21.56
N MET B 10 -19.67 7.55 22.83
CA MET B 10 -20.19 8.83 23.30
C MET B 10 -19.19 9.94 23.00
N ALA B 11 -19.66 11.15 22.78
CA ALA B 11 -18.75 12.25 22.46
C ALA B 11 -17.72 12.63 23.52
N ASP B 12 -17.87 12.10 24.73
CA ASP B 12 -16.95 12.40 25.83
C ASP B 12 -15.78 11.45 25.75
N GLY B 13 -15.97 10.39 24.97
CA GLY B 13 -14.93 9.41 24.79
C GLY B 13 -15.36 8.03 25.24
N SER B 14 -16.25 8.01 26.23
CA SER B 14 -16.76 6.76 26.80
C SER B 14 -17.54 5.91 25.80
N ILE B 15 -17.75 4.65 26.17
CA ILE B 15 -18.46 3.67 25.37
C ILE B 15 -19.76 3.29 26.07
N GLU B 16 -20.88 3.34 25.37
CA GLU B 16 -22.12 2.98 26.03
C GLU B 16 -23.03 2.15 25.13
N CYS B 17 -23.64 1.10 25.66
CA CYS B 17 -24.55 0.25 24.92
C CYS B 17 -25.71 1.11 24.36
N ILE B 18 -26.21 0.74 23.19
CA ILE B 18 -27.28 1.47 22.49
C ILE B 18 -28.53 1.78 23.34
N GLU B 19 -29.08 0.76 23.99
CA GLU B 19 -30.26 0.96 24.82
C GLU B 19 -30.10 2.10 25.86
N ASN B 20 -29.26 1.86 26.86
CA ASN B 20 -28.94 2.80 27.94
C ASN B 20 -28.68 4.25 27.48
N ILE B 21 -29.14 4.61 26.27
CA ILE B 21 -28.92 5.96 25.74
C ILE B 21 -30.22 6.77 25.78
N GLU B 22 -30.22 7.90 26.49
CA GLU B 22 -31.40 8.74 26.61
C GLU B 22 -31.35 9.88 25.65
N VAL B 23 -32.41 10.67 25.60
CA VAL B 23 -32.49 11.81 24.72
C VAL B 23 -31.56 12.84 25.30
N GLY B 24 -31.39 13.98 24.63
CA GLY B 24 -30.51 15.00 25.14
C GLY B 24 -29.04 14.63 25.11
N ASN B 25 -28.71 13.36 25.38
CA ASN B 25 -27.33 12.85 25.34
C ASN B 25 -26.59 13.24 24.04
N LYS B 26 -25.26 13.10 24.09
CA LYS B 26 -24.44 13.42 22.95
C LYS B 26 -23.50 12.26 22.58
N VAL B 27 -23.61 11.76 21.33
CA VAL B 27 -22.74 10.69 20.81
C VAL B 27 -21.72 11.28 19.84
N MET B 28 -20.73 10.46 19.50
CA MET B 28 -19.59 10.82 18.64
C MET B 28 -19.78 11.05 17.13
N GLY B 29 -19.41 12.25 16.69
CA GLY B 29 -19.53 12.62 15.30
C GLY B 29 -18.28 12.19 14.56
N LYS B 30 -18.39 11.73 13.31
CA LYS B 30 -17.23 11.28 12.55
C LYS B 30 -16.21 12.42 12.43
N ASP B 31 -16.60 13.63 12.82
CA ASP B 31 -15.69 14.75 12.79
C ASP B 31 -15.19 15.05 14.20
N GLY B 32 -15.53 14.15 15.13
CA GLY B 32 -15.12 14.28 16.53
C GLY B 32 -15.96 15.23 17.38
N ARG B 33 -16.94 15.86 16.75
CA ARG B 33 -17.81 16.77 17.46
C ARG B 33 -19.04 15.97 17.84
N PRO B 34 -19.57 16.19 19.06
CA PRO B 34 -20.76 15.47 19.50
C PRO B 34 -21.99 15.57 18.59
N ARG B 35 -22.89 14.59 18.70
CA ARG B 35 -24.15 14.55 17.95
C ARG B 35 -25.23 14.34 18.99
N GLU B 36 -26.27 15.19 18.97
CA GLU B 36 -27.36 15.10 19.95
C GLU B 36 -28.43 14.03 19.72
N VAL B 37 -28.51 13.05 20.62
CA VAL B 37 -29.54 12.02 20.50
C VAL B 37 -30.88 12.70 20.88
N ILE B 38 -31.92 12.49 20.06
CA ILE B 38 -33.20 13.09 20.38
C ILE B 38 -34.47 12.27 20.19
N LYS B 39 -34.35 10.95 20.10
CA LYS B 39 -35.52 10.07 19.97
C LYS B 39 -35.05 8.62 19.85
N LEU B 40 -35.61 7.72 20.64
CA LEU B 40 -35.14 6.33 20.59
C LEU B 40 -36.05 5.34 19.90
N PRO B 41 -36.11 5.37 18.56
CA PRO B 41 -36.98 4.44 17.83
C PRO B 41 -36.95 3.01 18.36
N ARG B 42 -38.12 2.43 18.56
CA ARG B 42 -38.19 1.08 19.07
C ARG B 42 -39.18 0.28 18.26
N GLY B 43 -38.89 -1.01 18.11
CA GLY B 43 -39.79 -1.83 17.34
C GLY B 43 -39.22 -3.21 17.20
N ARG B 44 -39.56 -3.83 16.09
CA ARG B 44 -39.10 -5.17 15.76
C ARG B 44 -39.05 -5.16 14.26
N GLU B 45 -38.10 -5.91 13.70
CA GLU B 45 -37.92 -5.98 12.26
C GLU B 45 -36.92 -7.08 12.06
N THR B 46 -36.62 -7.43 10.82
CA THR B 46 -35.63 -8.48 10.57
C THR B 46 -34.24 -7.84 10.82
N MET B 47 -33.32 -8.62 11.37
CA MET B 47 -32.00 -8.11 11.70
C MET B 47 -30.91 -8.79 10.90
N TYR B 48 -30.25 -8.00 10.04
CA TYR B 48 -29.13 -8.46 9.22
C TYR B 48 -27.87 -8.13 10.01
N SER B 49 -26.97 -9.10 10.14
CA SER B 49 -25.73 -8.85 10.86
C SER B 49 -24.59 -8.54 9.88
N VAL B 50 -24.04 -7.33 9.99
CA VAL B 50 -22.95 -6.85 9.15
C VAL B 50 -21.57 -7.27 9.68
N VAL B 51 -20.76 -7.91 8.83
CA VAL B 51 -19.41 -8.35 9.26
C VAL B 51 -18.29 -8.32 8.21
N GLN B 52 -17.15 -7.74 8.60
CA GLN B 52 -15.98 -7.62 7.74
C GLN B 52 -15.58 -8.94 7.07
N LYS B 53 -15.41 -8.92 5.75
CA LYS B 53 -15.07 -10.11 4.96
C LYS B 53 -13.71 -10.60 5.37
N GLU B 69 -12.64 -11.37 16.55
CA GLU B 69 -12.04 -10.26 15.83
C GLU B 69 -13.03 -9.56 14.87
N LEU B 70 -12.49 -8.77 13.95
CA LEU B 70 -13.26 -8.09 12.92
C LEU B 70 -14.36 -7.10 13.32
N LEU B 71 -14.63 -6.14 12.41
CA LEU B 71 -15.64 -5.11 12.63
C LEU B 71 -17.03 -5.63 12.26
N LYS B 72 -18.01 -5.34 13.12
CA LYS B 72 -19.36 -5.80 12.86
C LYS B 72 -20.35 -5.11 13.79
N PHE B 73 -21.63 -5.15 13.41
CA PHE B 73 -22.74 -4.55 14.14
C PHE B 73 -24.01 -5.17 13.55
N THR B 74 -25.03 -5.39 14.37
CA THR B 74 -26.28 -5.96 13.89
C THR B 74 -27.31 -4.88 13.69
N CYS B 75 -28.14 -4.98 12.65
CA CYS B 75 -29.17 -3.97 12.44
C CYS B 75 -30.41 -4.44 11.66
N ASN B 76 -31.52 -3.72 11.87
CA ASN B 76 -32.79 -3.99 11.22
C ASN B 76 -32.70 -3.82 9.68
N ALA B 77 -33.36 -4.73 8.97
CA ALA B 77 -33.36 -4.72 7.51
C ALA B 77 -33.47 -3.34 6.85
N THR B 78 -34.25 -2.48 7.49
CA THR B 78 -34.47 -1.15 6.95
C THR B 78 -33.37 -0.11 7.27
N ASN B 79 -32.31 -0.57 7.92
CA ASN B 79 -31.18 0.28 8.32
C ASN B 79 -30.27 0.72 7.16
N GLU B 80 -30.03 2.03 7.04
CA GLU B 80 -29.20 2.55 5.96
C GLU B 80 -27.69 2.41 6.14
N LEU B 81 -27.10 1.38 5.54
CA LEU B 81 -25.67 1.21 5.63
C LEU B 81 -25.06 2.43 4.95
N VAL B 82 -24.02 2.98 5.57
CA VAL B 82 -23.32 4.15 5.03
C VAL B 82 -22.12 3.63 4.30
N VAL B 83 -22.28 3.45 2.99
CA VAL B 83 -21.20 2.87 2.19
C VAL B 83 -20.50 3.81 1.27
N ARG B 84 -19.50 3.25 0.59
CA ARG B 84 -18.72 3.96 -0.42
C ARG B 84 -18.46 3.01 -1.60
N THR B 85 -18.33 3.58 -2.80
CA THR B 85 -18.05 2.77 -3.98
C THR B 85 -17.18 3.58 -4.87
N PRO B 86 -16.11 2.99 -5.40
CA PRO B 86 -15.20 3.73 -6.28
C PRO B 86 -15.79 4.11 -7.61
N ARG B 87 -15.25 5.17 -8.20
CA ARG B 87 -15.64 5.58 -9.55
C ARG B 87 -14.78 4.69 -10.48
N SER B 88 -15.30 4.30 -11.63
CA SER B 88 -14.51 3.46 -12.52
C SER B 88 -14.75 3.86 -13.97
N VAL B 89 -13.80 3.53 -14.84
CA VAL B 89 -13.94 3.86 -16.26
C VAL B 89 -12.93 3.10 -17.10
N ARG B 90 -13.42 2.06 -17.76
CA ARG B 90 -12.61 1.25 -18.62
C ARG B 90 -13.07 1.62 -19.99
N ARG B 91 -12.17 1.53 -20.96
CA ARG B 91 -12.51 1.78 -22.34
C ARG B 91 -12.00 0.54 -23.05
N LEU B 92 -12.88 -0.16 -23.76
CA LEU B 92 -12.50 -1.38 -24.49
C LEU B 92 -13.18 -1.62 -25.84
N SER B 93 -12.78 -2.69 -26.50
CA SER B 93 -13.33 -3.05 -27.80
C SER B 93 -14.21 -4.29 -27.68
N ARG B 94 -15.49 -4.14 -28.02
CA ARG B 94 -16.46 -5.23 -27.97
C ARG B 94 -17.06 -5.32 -29.38
N THR B 95 -17.19 -6.54 -29.92
CA THR B 95 -17.76 -6.72 -31.27
C THR B 95 -19.11 -7.45 -31.19
N ILE B 96 -20.19 -6.68 -31.19
CA ILE B 96 -21.53 -7.24 -31.08
C ILE B 96 -22.18 -7.60 -32.42
N LYS B 97 -22.16 -8.89 -32.74
CA LYS B 97 -22.79 -9.39 -33.96
C LYS B 97 -22.16 -8.84 -35.24
N GLY B 98 -21.00 -9.37 -35.63
CA GLY B 98 -20.38 -8.90 -36.84
C GLY B 98 -19.89 -7.45 -36.87
N VAL B 99 -20.37 -6.61 -35.95
CA VAL B 99 -19.92 -5.20 -35.87
C VAL B 99 -18.97 -4.98 -34.67
N GLU B 100 -17.88 -4.24 -34.92
CA GLU B 100 -16.87 -3.94 -33.89
C GLU B 100 -17.23 -2.57 -33.29
N TYR B 101 -17.57 -2.55 -31.98
CA TYR B 101 -17.97 -1.32 -31.27
C TYR B 101 -16.96 -0.78 -30.26
N PHE B 102 -17.26 0.42 -29.77
CA PHE B 102 -16.48 1.09 -28.73
C PHE B 102 -17.39 1.22 -27.50
N GLU B 103 -17.05 0.47 -26.46
CA GLU B 103 -17.82 0.47 -25.23
C GLU B 103 -17.12 1.23 -24.10
N VAL B 104 -17.85 2.12 -23.43
CA VAL B 104 -17.29 2.88 -22.33
C VAL B 104 -18.02 2.53 -21.02
N ILE B 105 -17.45 1.57 -20.29
CA ILE B 105 -18.00 1.10 -19.01
C ILE B 105 -17.65 2.03 -17.83
N THR B 106 -18.65 2.29 -16.99
CA THR B 106 -18.46 3.14 -15.82
C THR B 106 -19.33 2.70 -14.67
N PHE B 107 -19.08 3.33 -13.53
CA PHE B 107 -19.82 3.09 -12.30
C PHE B 107 -20.54 4.43 -12.07
N GLU B 108 -21.86 4.49 -12.21
CA GLU B 108 -22.54 5.75 -11.93
C GLU B 108 -23.73 5.55 -11.00
N MET B 109 -24.19 6.68 -10.44
CA MET B 109 -25.33 6.66 -9.55
C MET B 109 -26.54 6.63 -10.46
N GLY B 110 -27.56 5.92 -10.00
CA GLY B 110 -28.78 5.82 -10.79
C GLY B 110 -29.83 5.28 -9.89
N GLN B 111 -30.67 4.41 -10.46
CA GLN B 111 -31.76 3.74 -9.78
C GLN B 111 -31.96 2.40 -10.50
N LYS B 112 -32.52 1.44 -9.78
CA LYS B 112 -32.76 0.11 -10.30
C LYS B 112 -34.00 -0.34 -9.55
N LYS B 113 -35.08 -0.59 -10.29
CA LYS B 113 -36.37 -0.99 -9.73
C LYS B 113 -36.17 -1.97 -8.57
N ALA B 114 -36.98 -1.82 -7.54
CA ALA B 114 -36.88 -2.67 -6.36
C ALA B 114 -38.01 -3.69 -6.29
N PRO B 115 -37.78 -4.82 -5.62
CA PRO B 115 -38.88 -5.78 -5.55
C PRO B 115 -40.19 -5.14 -5.04
N ASP B 116 -40.21 -4.58 -3.83
CA ASP B 116 -41.47 -3.98 -3.35
C ASP B 116 -41.93 -2.80 -4.20
N GLY B 117 -41.27 -2.61 -5.34
CA GLY B 117 -41.65 -1.54 -6.26
C GLY B 117 -41.06 -0.15 -6.03
N ARG B 118 -40.33 0.05 -4.93
CA ARG B 118 -39.73 1.33 -4.60
C ARG B 118 -38.59 1.85 -5.49
N ILE B 119 -38.35 3.16 -5.35
CA ILE B 119 -37.29 3.87 -6.06
C ILE B 119 -36.05 3.75 -5.21
N VAL B 120 -35.15 2.86 -5.60
CA VAL B 120 -33.91 2.68 -4.85
C VAL B 120 -32.81 3.33 -5.68
N GLU B 121 -32.16 4.37 -5.16
CA GLU B 121 -31.07 4.95 -5.92
C GLU B 121 -29.73 4.43 -5.40
N LEU B 122 -28.96 3.86 -6.32
CA LEU B 122 -27.68 3.23 -6.00
C LEU B 122 -26.67 3.26 -7.13
N VAL B 123 -25.39 3.09 -6.80
CA VAL B 123 -24.35 3.09 -7.81
C VAL B 123 -24.68 1.93 -8.71
N LYS B 124 -24.37 2.05 -9.98
CA LYS B 124 -24.68 1.00 -10.92
C LYS B 124 -23.65 0.96 -12.04
N GLU B 125 -23.29 -0.25 -12.50
CA GLU B 125 -22.34 -0.41 -13.61
C GLU B 125 -23.06 -0.06 -14.89
N VAL B 126 -22.46 0.81 -15.71
CA VAL B 126 -23.12 1.25 -16.92
C VAL B 126 -22.30 1.07 -18.16
N SER B 127 -22.97 0.82 -19.27
CA SER B 127 -22.30 0.65 -20.54
C SER B 127 -22.79 1.65 -21.55
N LYS B 128 -22.04 1.77 -22.62
CA LYS B 128 -22.32 2.70 -23.69
C LYS B 128 -21.47 2.20 -24.84
N SER B 129 -22.05 2.14 -26.05
CA SER B 129 -21.31 1.67 -27.21
C SER B 129 -21.54 2.54 -28.42
N TYR B 130 -21.25 1.98 -29.58
CA TYR B 130 -21.39 2.61 -30.89
C TYR B 130 -20.27 2.03 -31.74
N PRO B 131 -20.56 1.69 -33.01
CA PRO B 131 -19.57 1.10 -33.92
C PRO B 131 -18.26 1.87 -34.04
N ILE B 132 -17.18 1.13 -34.29
CA ILE B 132 -15.87 1.73 -34.44
C ILE B 132 -15.94 2.67 -35.63
N SER B 133 -16.66 2.22 -36.65
CA SER B 133 -16.85 2.99 -37.87
C SER B 133 -16.63 4.49 -37.66
N GLU B 134 -17.24 5.06 -36.62
CA GLU B 134 -17.12 6.51 -36.34
C GLU B 134 -15.85 6.94 -35.63
N GLY B 135 -15.00 5.97 -35.30
CA GLY B 135 -13.74 6.26 -34.62
C GLY B 135 -13.88 6.53 -33.12
N PRO B 136 -12.78 6.37 -32.33
CA PRO B 136 -12.75 6.60 -30.88
C PRO B 136 -13.47 7.88 -30.50
N GLU B 137 -13.39 8.83 -31.42
CA GLU B 137 -14.01 10.13 -31.30
C GLU B 137 -15.10 10.24 -30.21
N ARG B 138 -16.11 9.38 -30.29
CA ARG B 138 -17.21 9.42 -29.33
C ARG B 138 -16.92 8.90 -27.92
N ALA B 139 -16.09 7.87 -27.80
CA ALA B 139 -15.78 7.36 -26.47
C ALA B 139 -15.22 8.57 -25.74
N ASN B 140 -13.89 8.66 -25.67
CA ASN B 140 -13.18 9.76 -25.02
C ASN B 140 -14.05 10.91 -24.51
N GLU B 141 -14.75 11.58 -25.41
CA GLU B 141 -15.63 12.69 -25.06
C GLU B 141 -16.51 12.36 -23.85
N LEU B 142 -16.77 11.07 -23.67
CA LEU B 142 -17.59 10.57 -22.57
C LEU B 142 -16.68 10.43 -21.38
N VAL B 143 -15.64 9.62 -21.57
CA VAL B 143 -14.65 9.37 -20.53
C VAL B 143 -14.30 10.70 -19.89
N GLU B 144 -13.72 11.61 -20.66
CA GLU B 144 -13.37 12.90 -20.12
C GLU B 144 -14.59 13.64 -19.59
N SER B 145 -15.74 13.43 -20.20
CA SER B 145 -16.93 14.10 -19.72
C SER B 145 -17.17 13.54 -18.32
N TYR B 146 -16.74 12.29 -18.13
CA TYR B 146 -16.88 11.55 -16.87
C TYR B 146 -15.81 11.91 -15.84
N ARG B 147 -14.54 11.91 -16.26
CA ARG B 147 -13.39 12.23 -15.40
C ARG B 147 -13.47 13.65 -14.81
N LYS B 148 -14.01 14.59 -15.57
CA LYS B 148 -14.15 15.98 -15.14
C LYS B 148 -15.53 16.17 -14.48
N ALA B 149 -16.15 15.07 -14.11
CA ALA B 149 -17.49 15.10 -13.51
C ALA B 149 -17.50 15.26 -12.01
N SER B 150 -16.40 14.90 -11.34
CA SER B 150 -16.34 15.02 -9.87
C SER B 150 -14.98 15.29 -9.24
N ASN B 151 -15.00 15.82 -8.03
CA ASN B 151 -13.78 16.14 -7.31
C ASN B 151 -13.30 15.04 -6.40
N LYS B 152 -13.99 13.91 -6.38
CA LYS B 152 -13.56 12.83 -5.51
C LYS B 152 -13.41 11.57 -6.32
N ALA B 153 -12.49 10.71 -5.91
CA ALA B 153 -12.24 9.45 -6.62
C ALA B 153 -13.14 8.29 -6.22
N TYR B 154 -14.23 8.58 -5.49
CA TYR B 154 -15.20 7.54 -5.05
C TYR B 154 -16.59 8.07 -4.77
N PHE B 155 -17.55 7.17 -4.57
CA PHE B 155 -18.95 7.54 -4.28
C PHE B 155 -19.34 7.49 -2.79
N GLU B 156 -19.89 8.58 -2.26
CA GLU B 156 -20.28 8.65 -0.84
C GLU B 156 -21.77 8.59 -0.61
N TRP B 157 -22.30 7.39 -0.49
CA TRP B 157 -23.73 7.21 -0.33
C TRP B 157 -24.17 6.28 0.78
N THR B 158 -25.42 5.84 0.72
CA THR B 158 -26.00 4.93 1.70
C THR B 158 -26.96 3.98 1.03
N ILE B 159 -27.35 2.97 1.78
CA ILE B 159 -28.31 1.98 1.27
C ILE B 159 -28.69 0.96 2.34
N GLU B 160 -30.01 0.81 2.56
CA GLU B 160 -30.55 -0.11 3.55
C GLU B 160 -29.99 -1.51 3.39
N ALA B 161 -29.79 -2.15 4.54
CA ALA B 161 -29.21 -3.47 4.56
C ALA B 161 -30.01 -4.50 3.85
N ARG B 162 -31.30 -4.24 3.63
CA ARG B 162 -32.13 -5.22 2.94
C ARG B 162 -32.01 -5.06 1.44
N ASP B 163 -31.60 -3.87 1.01
CA ASP B 163 -31.44 -3.56 -0.42
C ASP B 163 -30.11 -4.01 -1.03
N LEU B 164 -29.12 -4.22 -0.17
CA LEU B 164 -27.79 -4.61 -0.61
C LEU B 164 -27.77 -5.72 -1.67
N SER B 165 -28.84 -6.48 -1.80
CA SER B 165 -28.83 -7.51 -2.83
C SER B 165 -29.11 -6.84 -4.19
N LEU B 166 -29.78 -5.69 -4.20
CA LEU B 166 -30.06 -4.97 -5.43
C LEU B 166 -28.80 -4.67 -6.21
N LEU B 167 -27.73 -4.34 -5.51
CA LEU B 167 -26.49 -4.02 -6.20
C LEU B 167 -26.09 -5.21 -7.05
N GLY B 168 -25.71 -4.91 -8.29
CA GLY B 168 -25.29 -5.96 -9.19
C GLY B 168 -23.86 -6.28 -8.91
N SER B 169 -23.61 -7.57 -8.74
CA SER B 169 -22.31 -8.16 -8.46
C SER B 169 -21.03 -7.39 -8.57
N HIS B 170 -20.76 -6.75 -9.69
CA HIS B 170 -19.50 -6.01 -9.80
C HIS B 170 -19.54 -4.88 -8.78
N VAL B 171 -20.57 -4.06 -8.85
CA VAL B 171 -20.72 -2.96 -7.92
C VAL B 171 -20.65 -3.41 -6.45
N ARG B 172 -21.36 -4.48 -6.10
CA ARG B 172 -21.38 -4.98 -4.71
C ARG B 172 -20.01 -5.23 -4.11
N LYS B 173 -19.29 -6.18 -4.69
CA LYS B 173 -17.97 -6.54 -4.21
C LYS B 173 -17.12 -5.30 -4.05
N ALA B 174 -17.40 -4.26 -4.82
CA ALA B 174 -16.65 -3.01 -4.74
C ALA B 174 -17.03 -2.16 -3.51
N THR B 175 -18.33 -1.97 -3.30
CA THR B 175 -18.88 -1.17 -2.21
C THR B 175 -18.36 -1.64 -0.85
N TYR B 176 -18.05 -0.69 0.03
CA TYR B 176 -17.50 -0.97 1.36
C TYR B 176 -17.91 0.06 2.38
N GLN B 177 -17.95 -0.34 3.65
CA GLN B 177 -18.35 0.61 4.67
C GLN B 177 -17.11 1.29 5.20
N THR B 178 -17.30 2.23 6.12
CA THR B 178 -16.14 2.89 6.64
C THR B 178 -16.16 2.94 8.14
N TYR B 179 -14.98 3.21 8.70
CA TYR B 179 -14.86 3.40 10.12
C TYR B 179 -13.99 4.62 10.08
N ALA B 180 -14.37 5.60 10.89
CA ALA B 180 -13.62 6.83 10.93
C ALA B 180 -12.63 6.86 12.09
N PRO B 181 -11.54 7.60 11.92
CA PRO B 181 -10.54 7.69 12.98
C PRO B 181 -11.23 8.32 14.19
N ILE B 182 -10.51 8.50 15.29
CA ILE B 182 -11.10 9.14 16.47
C ILE B 182 -10.36 10.44 16.61
N LEU B 183 -11.02 11.53 16.28
CA LEU B 183 -10.35 12.80 16.36
C LEU B 183 -10.45 13.42 17.73
N TYR B 184 -11.41 12.97 18.52
CA TYR B 184 -11.61 13.49 19.88
C TYR B 184 -10.33 13.35 20.65
N GLU B 185 -10.14 14.26 21.61
CA GLU B 185 -8.95 14.22 22.44
C GLU B 185 -9.20 14.63 23.91
N ASN B 186 -9.46 13.65 24.78
CA ASN B 186 -9.66 13.95 26.19
C ASN B 186 -8.27 14.39 26.60
N ASP B 187 -7.92 14.26 27.87
CA ASP B 187 -6.60 14.70 28.28
C ASP B 187 -6.11 13.93 29.51
N HIS B 188 -6.73 12.78 29.75
CA HIS B 188 -6.39 11.90 30.88
C HIS B 188 -4.85 11.74 31.07
N PHE B 189 -4.06 12.04 30.04
CA PHE B 189 -2.61 11.89 30.17
C PHE B 189 -1.94 13.15 30.74
N PHE B 190 -2.19 14.30 30.10
CA PHE B 190 -1.57 15.52 30.59
C PHE B 190 -1.91 15.68 32.05
N ASP B 191 -3.17 15.40 32.34
CA ASP B 191 -3.68 15.46 33.68
C ASP B 191 -2.75 14.62 34.50
N TYR B 192 -2.95 13.30 34.45
CA TYR B 192 -2.13 12.40 35.21
C TYR B 192 -0.73 12.93 35.49
N MET B 193 -0.23 13.84 34.66
CA MET B 193 1.09 14.43 34.91
C MET B 193 0.99 15.84 35.49
N GLN B 194 0.66 15.91 36.77
CA GLN B 194 0.52 17.16 37.52
C GLN B 194 0.92 16.86 38.96
N LYS B 195 0.39 15.77 39.47
CA LYS B 195 0.72 15.35 40.82
C LYS B 195 2.02 14.57 40.67
N SER B 196 2.19 13.99 39.49
CA SER B 196 3.38 13.22 39.17
C SER B 196 4.70 13.79 39.73
N LYS B 197 5.65 12.90 39.99
CA LYS B 197 6.95 13.34 40.48
C LYS B 197 8.00 13.37 39.35
N PHE B 198 7.68 14.13 38.29
CA PHE B 198 8.56 14.30 37.12
C PHE B 198 8.64 15.80 36.83
N HIS B 199 7.79 16.54 37.54
CA HIS B 199 7.68 17.98 37.39
C HIS B 199 7.44 18.29 35.91
N LEU B 200 6.21 18.63 35.61
CA LEU B 200 5.73 18.96 34.27
C LEU B 200 6.77 19.61 33.32
N THR B 201 7.20 18.84 32.31
CA THR B 201 8.16 19.29 31.29
C THR B 201 7.34 19.53 30.01
N ILE B 202 7.89 20.24 29.02
CA ILE B 202 7.16 20.51 27.77
C ILE B 202 7.09 19.27 26.85
N GLU B 203 8.10 18.41 26.99
CA GLU B 203 8.17 17.15 26.23
C GLU B 203 7.69 16.12 27.25
N GLY B 204 6.94 16.62 28.22
CA GLY B 204 6.42 15.80 29.29
C GLY B 204 5.79 14.48 28.91
N PRO B 205 4.56 14.51 28.35
CA PRO B 205 3.75 13.36 27.91
C PRO B 205 4.43 12.43 26.90
N LYS B 206 4.93 13.00 25.80
CA LYS B 206 5.64 12.23 24.79
C LYS B 206 6.68 11.35 25.46
N VAL B 207 7.72 11.99 25.97
CA VAL B 207 8.82 11.33 26.68
C VAL B 207 8.34 10.15 27.53
N LEU B 208 7.18 10.30 28.17
CA LEU B 208 6.65 9.23 29.01
C LEU B 208 5.92 8.23 28.14
N ALA B 209 5.04 8.76 27.29
CA ALA B 209 4.23 7.95 26.37
C ALA B 209 5.17 6.97 25.70
N TYR B 210 6.22 7.52 25.11
CA TYR B 210 7.22 6.68 24.46
C TYR B 210 7.72 5.60 25.40
N LEU B 211 8.19 6.00 26.58
CA LEU B 211 8.73 5.05 27.57
C LEU B 211 7.74 4.00 28.09
N LEU B 212 6.48 4.37 28.20
CA LEU B 212 5.49 3.41 28.65
C LEU B 212 5.33 2.39 27.55
N GLY B 213 5.12 2.91 26.34
CA GLY B 213 4.95 2.07 25.18
C GLY B 213 6.19 1.24 25.05
N LEU B 214 7.33 1.89 25.19
CA LEU B 214 8.58 1.17 25.11
C LEU B 214 8.54 0.13 26.21
N TRP B 215 7.89 0.47 27.34
CA TRP B 215 7.78 -0.48 28.44
C TRP B 215 6.93 -1.66 28.03
N ILE B 216 5.80 -1.44 27.38
CA ILE B 216 4.96 -2.58 26.99
C ILE B 216 5.69 -3.56 26.09
N GLY B 217 6.59 -3.04 25.26
CA GLY B 217 7.35 -3.89 24.36
C GLY B 217 8.30 -4.91 24.96
N ASP B 218 9.39 -4.44 25.58
CA ASP B 218 10.39 -5.32 26.19
C ASP B 218 10.56 -4.99 27.70
N GLY B 219 9.46 -4.86 28.42
CA GLY B 219 9.55 -4.52 29.82
C GLY B 219 9.23 -5.61 30.82
N LEU B 220 9.96 -5.63 31.93
CA LEU B 220 9.74 -6.61 32.98
C LEU B 220 8.50 -6.15 33.75
N SER B 221 7.47 -6.99 33.76
CA SER B 221 6.20 -6.70 34.44
C SER B 221 6.20 -6.43 35.97
N ASP B 222 7.22 -6.92 36.67
CA ASP B 222 7.27 -6.72 38.11
C ASP B 222 8.02 -5.45 38.52
N ARG B 223 9.05 -5.12 37.78
CA ARG B 223 9.84 -3.94 38.10
C ARG B 223 9.86 -2.89 36.98
N ALA B 224 10.13 -1.64 37.35
CA ALA B 224 10.20 -0.56 36.36
C ALA B 224 11.50 -0.59 35.57
N THR B 225 11.87 -1.78 35.10
CA THR B 225 13.06 -2.00 34.28
C THR B 225 12.67 -2.78 32.99
N PHE B 226 13.48 -2.66 31.93
CA PHE B 226 13.20 -3.37 30.67
C PHE B 226 14.39 -3.66 29.75
N SER B 227 14.33 -4.82 29.11
CA SER B 227 15.39 -5.28 28.21
C SER B 227 15.44 -4.66 26.81
N VAL B 228 16.52 -3.94 26.52
CA VAL B 228 16.67 -3.30 25.21
C VAL B 228 17.82 -3.89 24.41
N ASP B 229 17.63 -3.96 23.10
CA ASP B 229 18.63 -4.48 22.17
C ASP B 229 19.88 -3.59 22.17
N SER B 230 21.04 -4.22 22.30
CA SER B 230 22.34 -3.54 22.31
C SER B 230 22.80 -2.94 20.98
N ARG B 231 22.78 -3.75 19.91
CA ARG B 231 23.20 -3.32 18.57
C ARG B 231 22.60 -2.00 18.10
N ASP B 232 21.55 -1.59 18.79
CA ASP B 232 20.85 -0.36 18.47
C ASP B 232 21.37 0.82 19.30
N THR B 233 22.38 1.53 18.81
CA THR B 233 22.88 2.67 19.56
C THR B 233 21.82 3.77 19.55
N SER B 234 21.42 4.21 18.35
CA SER B 234 20.41 5.26 18.18
C SER B 234 19.17 4.99 19.05
N LEU B 235 18.83 3.72 19.22
CA LEU B 235 17.70 3.38 20.10
C LEU B 235 18.14 3.73 21.52
N MET B 236 19.30 3.19 21.92
CA MET B 236 19.87 3.39 23.25
C MET B 236 20.03 4.84 23.70
N GLU B 237 20.60 5.70 22.86
CA GLU B 237 20.77 7.10 23.27
C GLU B 237 19.41 7.74 23.45
N ARG B 238 18.40 7.09 22.88
CA ARG B 238 17.01 7.55 22.94
C ARG B 238 16.45 7.05 24.26
N VAL B 239 16.72 5.80 24.60
CA VAL B 239 16.25 5.24 25.87
C VAL B 239 16.76 6.10 26.98
N THR B 240 17.91 6.74 26.75
CA THR B 240 18.52 7.61 27.77
C THR B 240 18.04 9.05 27.60
N GLU B 241 18.17 9.63 26.41
CA GLU B 241 17.73 11.01 26.18
C GLU B 241 16.43 11.20 26.99
N TYR B 242 15.55 10.22 26.87
CA TYR B 242 14.27 10.24 27.56
C TYR B 242 14.35 9.99 29.06
N ALA B 243 14.93 8.86 29.46
CA ALA B 243 15.07 8.51 30.87
C ALA B 243 15.50 9.70 31.73
N GLU B 244 16.42 10.52 31.22
CA GLU B 244 16.87 11.68 31.98
C GLU B 244 16.05 12.95 31.66
N LYS B 245 15.10 12.87 30.72
CA LYS B 245 14.25 14.03 30.40
C LYS B 245 13.05 13.98 31.34
N LEU B 246 12.71 12.75 31.75
CA LEU B 246 11.61 12.53 32.66
C LEU B 246 12.18 12.87 34.04
N ASN B 247 13.52 12.75 34.13
CA ASN B 247 14.31 13.03 35.33
C ASN B 247 14.71 11.77 36.09
N LEU B 248 15.52 10.91 35.46
CA LEU B 248 15.98 9.68 36.11
C LEU B 248 17.13 8.90 35.43
N CYS B 249 18.38 9.30 35.67
CA CYS B 249 19.56 8.64 35.06
C CYS B 249 19.23 7.17 34.79
N ALA B 250 19.25 6.81 33.51
CA ALA B 250 18.94 5.46 33.06
C ALA B 250 20.15 4.55 33.08
N GLU B 251 21.28 5.08 33.56
CA GLU B 251 22.54 4.34 33.67
C GLU B 251 22.25 2.78 33.42
N TYR B 252 22.84 2.19 32.37
CA TYR B 252 22.59 0.77 32.03
C TYR B 252 23.10 -0.30 33.02
N LYS B 253 22.82 -1.59 32.75
CA LYS B 253 23.23 -2.70 33.65
C LYS B 253 24.62 -3.34 33.43
N ASP B 254 24.65 -4.67 33.38
CA ASP B 254 25.88 -5.45 33.19
C ASP B 254 26.30 -5.41 31.71
N ARG B 255 27.58 -5.12 31.47
CA ARG B 255 28.14 -5.04 30.11
C ARG B 255 28.24 -6.42 29.40
N LYS B 256 29.09 -7.30 29.90
CA LYS B 256 29.21 -8.65 29.31
C LYS B 256 27.93 -9.41 29.68
N GLU B 257 27.12 -9.72 28.67
CA GLU B 257 25.84 -10.43 28.89
C GLU B 257 25.59 -11.43 27.74
N PRO B 258 25.72 -12.75 28.03
CA PRO B 258 25.52 -13.80 27.04
C PRO B 258 24.27 -13.64 26.15
N GLN B 259 23.43 -12.66 26.51
CA GLN B 259 22.22 -12.34 25.75
C GLN B 259 22.51 -11.16 24.82
N VAL B 260 21.91 -11.17 23.63
CA VAL B 260 22.12 -10.06 22.70
C VAL B 260 21.49 -8.78 23.23
N ALA B 261 20.32 -8.91 23.85
CA ALA B 261 19.61 -7.77 24.42
C ALA B 261 20.15 -7.41 25.82
N LYS B 262 20.62 -6.18 25.98
CA LYS B 262 21.13 -5.72 27.26
C LYS B 262 19.94 -5.46 28.21
N THR B 263 20.22 -4.95 29.42
CA THR B 263 19.18 -4.63 30.40
C THR B 263 19.42 -3.22 30.93
N VAL B 264 18.38 -2.40 30.93
CA VAL B 264 18.50 -1.02 31.42
C VAL B 264 17.63 -0.75 32.63
N ASN B 265 18.15 0.03 33.60
CA ASN B 265 17.41 0.37 34.81
C ASN B 265 17.06 1.83 34.94
N LEU B 266 15.97 2.10 35.66
CA LEU B 266 15.52 3.46 35.86
C LEU B 266 14.88 3.74 37.24
N TYR B 267 15.49 4.67 38.00
CA TYR B 267 15.04 5.16 39.33
C TYR B 267 15.33 6.66 39.26
N SER B 268 15.01 7.43 40.29
CA SER B 268 15.27 8.89 40.23
C SER B 268 16.12 9.49 41.36
N LEU B 280 12.90 1.41 43.13
CA LEU B 280 12.69 1.10 41.73
C LEU B 280 11.21 0.80 41.44
N ASN B 281 10.56 0.18 42.40
CA ASN B 281 9.15 -0.16 42.29
C ASN B 281 8.31 1.08 42.60
N THR B 282 7.44 1.02 43.60
CA THR B 282 6.66 2.21 43.91
C THR B 282 7.65 3.30 44.29
N GLU B 283 7.12 4.49 44.59
CA GLU B 283 7.94 5.65 44.95
C GLU B 283 8.75 6.06 43.72
N ASN B 284 8.94 5.11 42.81
CA ASN B 284 9.66 5.33 41.57
C ASN B 284 8.72 5.86 40.48
N PRO B 285 9.10 6.98 39.86
CA PRO B 285 8.45 7.76 38.80
C PRO B 285 7.80 7.02 37.64
N LEU B 286 8.58 6.32 36.81
CA LEU B 286 7.98 5.61 35.69
C LEU B 286 7.02 4.52 36.15
N TRP B 287 7.39 3.80 37.21
CA TRP B 287 6.53 2.72 37.67
C TRP B 287 5.16 3.16 38.21
N ASP B 288 5.05 4.40 38.63
CA ASP B 288 3.77 4.89 39.12
C ASP B 288 2.84 5.05 37.91
N ALA B 289 3.32 5.73 36.87
CA ALA B 289 2.56 5.92 35.63
C ALA B 289 2.08 4.59 35.06
N ILE B 290 2.87 3.54 35.26
CA ILE B 290 2.58 2.18 34.80
C ILE B 290 1.43 1.50 35.53
N VAL B 291 1.12 1.97 36.74
CA VAL B 291 0.03 1.36 37.50
C VAL B 291 -1.07 2.39 37.64
N GLY B 292 -0.66 3.64 37.82
CA GLY B 292 -1.64 4.70 37.94
C GLY B 292 -2.59 4.69 36.76
N LEU B 293 -2.01 4.71 35.56
CA LEU B 293 -2.77 4.74 34.32
C LEU B 293 -3.50 3.45 33.91
N GLY B 294 -2.91 2.30 34.19
CA GLY B 294 -3.56 1.06 33.83
C GLY B 294 -2.71 0.15 32.96
N PHE B 295 -1.50 0.61 32.62
CA PHE B 295 -0.59 -0.18 31.79
C PHE B 295 -0.28 -1.52 32.44
N LEU B 296 -1.02 -1.80 33.49
CA LEU B 296 -0.87 -3.04 34.21
C LEU B 296 -2.09 -3.22 35.09
N LYS B 297 -2.61 -4.45 35.07
CA LYS B 297 -3.78 -4.83 35.86
C LYS B 297 -3.65 -6.34 35.97
N ASP B 298 -4.25 -6.91 36.99
CA ASP B 298 -4.19 -8.35 37.15
C ASP B 298 -2.79 -8.85 36.77
N GLY B 299 -1.75 -8.21 37.31
CA GLY B 299 -0.39 -8.64 37.03
C GLY B 299 0.12 -8.58 35.59
N VAL B 300 -0.73 -8.96 34.62
CA VAL B 300 -0.37 -8.97 33.18
C VAL B 300 -0.32 -7.61 32.46
N LYS B 301 0.56 -7.53 31.44
CA LYS B 301 0.76 -6.30 30.64
C LYS B 301 -0.55 -5.77 30.05
N ASN B 302 -0.68 -4.46 29.88
CA ASN B 302 -1.95 -3.98 29.34
C ASN B 302 -2.13 -2.57 28.73
N ILE B 303 -3.00 -2.48 27.72
CA ILE B 303 -3.27 -1.20 27.07
C ILE B 303 -4.57 -0.58 27.54
N PRO B 304 -4.44 0.42 28.40
CA PRO B 304 -5.63 1.09 28.91
C PRO B 304 -6.40 1.62 27.73
N SER B 305 -7.70 1.37 27.71
CA SER B 305 -8.53 1.86 26.64
C SER B 305 -8.50 3.39 26.49
N PHE B 306 -8.52 4.12 27.61
CA PHE B 306 -8.55 5.57 27.56
C PHE B 306 -7.56 6.22 26.60
N LEU B 307 -6.55 5.46 26.18
CA LEU B 307 -5.52 5.95 25.27
C LEU B 307 -6.07 6.26 23.90
N SER B 308 -6.97 5.39 23.44
CA SER B 308 -7.63 5.51 22.16
C SER B 308 -8.34 6.83 21.98
N THR B 309 -8.84 7.41 23.06
CA THR B 309 -9.54 8.68 22.92
C THR B 309 -8.67 9.81 23.46
N ASP B 310 -7.38 9.54 23.63
CA ASP B 310 -6.50 10.56 24.16
C ASP B 310 -5.72 11.42 23.14
N ASN B 311 -4.94 12.38 23.64
CA ASN B 311 -4.13 13.27 22.78
C ASN B 311 -3.40 12.47 21.73
N ILE B 312 -3.65 12.82 20.47
CA ILE B 312 -3.04 12.06 19.38
C ILE B 312 -1.51 11.89 19.46
N GLY B 313 -0.77 12.96 19.70
CA GLY B 313 0.68 12.84 19.83
C GLY B 313 1.08 11.72 20.79
N THR B 314 0.32 11.55 21.87
CA THR B 314 0.59 10.52 22.89
C THR B 314 0.18 9.12 22.37
N ARG B 315 -0.75 9.07 21.44
CA ARG B 315 -1.09 7.76 20.89
C ARG B 315 0.02 7.37 19.88
N GLU B 316 0.48 8.35 19.13
CA GLU B 316 1.52 8.09 18.16
C GLU B 316 2.82 7.78 18.91
N THR B 317 3.22 8.69 19.80
CA THR B 317 4.45 8.47 20.58
C THR B 317 4.39 7.20 21.41
N PHE B 318 3.22 6.82 21.89
CA PHE B 318 3.12 5.56 22.63
C PHE B 318 3.56 4.47 21.67
N LEU B 319 2.74 4.22 20.64
CA LEU B 319 3.03 3.21 19.62
C LEU B 319 4.48 3.25 19.22
N ALA B 320 5.00 4.45 18.93
CA ALA B 320 6.39 4.56 18.52
C ALA B 320 7.22 3.67 19.43
N GLY B 321 7.08 3.92 20.74
CA GLY B 321 7.77 3.15 21.74
C GLY B 321 7.49 1.66 21.67
N LEU B 322 6.23 1.27 21.62
CA LEU B 322 5.95 -0.16 21.54
C LEU B 322 6.74 -0.74 20.37
N ILE B 323 6.57 -0.10 19.19
CA ILE B 323 7.20 -0.48 17.93
C ILE B 323 8.69 -0.62 18.05
N ASP B 324 9.30 0.38 18.68
CA ASP B 324 10.74 0.36 18.86
C ASP B 324 11.18 -0.80 19.70
N SER B 325 10.31 -1.22 20.61
CA SER B 325 10.64 -2.33 21.48
C SER B 325 10.66 -3.61 20.68
N ASP B 326 9.56 -4.36 20.63
CA ASP B 326 9.57 -5.57 19.82
C ASP B 326 8.59 -5.51 18.64
N GLY B 327 9.01 -4.79 17.60
CA GLY B 327 8.20 -4.66 16.39
C GLY B 327 9.12 -4.31 15.25
N TYR B 328 8.78 -4.73 14.05
CA TYR B 328 9.60 -4.41 12.88
C TYR B 328 8.80 -3.66 11.83
N VAL B 329 9.50 -2.94 10.97
CA VAL B 329 8.84 -2.17 9.93
C VAL B 329 9.31 -2.70 8.61
N THR B 330 8.51 -2.58 7.56
CA THR B 330 8.96 -3.02 6.24
C THR B 330 8.36 -2.16 5.18
N ASP B 331 8.88 -2.30 3.96
CA ASP B 331 8.41 -1.48 2.87
C ASP B 331 8.35 -2.16 1.51
N GLU B 332 8.30 -3.49 1.48
CA GLU B 332 8.22 -4.20 0.19
C GLU B 332 7.09 -3.60 -0.67
N HIS B 333 5.86 -3.66 -0.15
CA HIS B 333 4.74 -3.13 -0.88
C HIS B 333 4.09 -2.02 -0.10
N GLY B 334 4.90 -1.23 0.60
CA GLY B 334 4.36 -0.13 1.38
C GLY B 334 4.76 -0.11 2.85
N ILE B 335 5.09 1.08 3.36
CA ILE B 335 5.46 1.14 4.76
C ILE B 335 4.39 0.39 5.55
N LYS B 336 4.85 -0.39 6.52
CA LYS B 336 3.93 -1.17 7.34
C LYS B 336 4.59 -1.68 8.62
N ALA B 337 4.07 -1.20 9.73
CA ALA B 337 4.58 -1.57 11.04
C ALA B 337 3.95 -2.88 11.50
N THR B 338 4.69 -3.65 12.28
CA THR B 338 4.18 -4.91 12.80
C THR B 338 4.60 -5.07 14.24
N ILE B 339 3.72 -5.58 15.08
CA ILE B 339 4.09 -5.79 16.48
C ILE B 339 3.67 -7.16 16.93
N LYS B 340 4.42 -7.72 17.87
CA LYS B 340 4.05 -9.02 18.40
C LYS B 340 3.68 -8.88 19.87
N THR B 341 2.98 -9.90 20.37
CA THR B 341 2.57 -9.92 21.75
C THR B 341 2.00 -11.28 21.95
N ILE B 342 2.29 -11.87 23.09
CA ILE B 342 1.77 -13.20 23.39
C ILE B 342 0.61 -12.92 24.28
N HIS B 343 0.44 -11.64 24.60
CA HIS B 343 -0.65 -11.25 25.46
C HIS B 343 -1.92 -10.92 24.70
N THR B 344 -3.03 -11.10 25.38
CA THR B 344 -4.33 -10.86 24.81
C THR B 344 -4.81 -9.46 25.22
N SER B 345 -4.49 -9.04 26.44
CA SER B 345 -4.93 -7.72 26.90
C SER B 345 -4.23 -6.61 26.14
N VAL B 346 -3.01 -6.89 25.68
CA VAL B 346 -2.22 -5.92 24.94
C VAL B 346 -2.69 -5.86 23.49
N ARG B 347 -2.94 -7.04 22.93
CA ARG B 347 -3.40 -7.15 21.56
C ARG B 347 -4.60 -6.24 21.36
N ASP B 348 -5.77 -6.73 21.77
CA ASP B 348 -7.01 -5.99 21.62
C ASP B 348 -6.86 -4.49 21.81
N GLY B 349 -6.26 -4.10 22.92
CA GLY B 349 -6.11 -2.68 23.16
C GLY B 349 -5.23 -1.93 22.17
N LEU B 350 -4.28 -2.64 21.55
CA LEU B 350 -3.36 -2.06 20.55
C LEU B 350 -4.09 -1.84 19.25
N VAL B 351 -4.87 -2.83 18.87
CA VAL B 351 -5.67 -2.78 17.66
C VAL B 351 -6.60 -1.59 17.68
N SER B 352 -7.04 -1.20 18.86
CA SER B 352 -7.95 -0.08 19.01
C SER B 352 -7.17 1.22 18.95
N LEU B 353 -6.08 1.26 19.69
CA LEU B 353 -5.24 2.44 19.72
C LEU B 353 -4.81 2.77 18.28
N ALA B 354 -4.35 1.75 17.57
CA ALA B 354 -3.90 1.94 16.20
C ALA B 354 -5.06 2.45 15.38
N ARG B 355 -6.10 1.64 15.25
CA ARG B 355 -7.27 1.98 14.47
C ARG B 355 -7.81 3.35 14.87
N SER B 356 -7.65 3.74 16.13
CA SER B 356 -8.16 5.04 16.60
C SER B 356 -7.45 6.22 15.93
N LEU B 357 -6.18 6.02 15.57
CA LEU B 357 -5.40 7.04 14.90
C LEU B 357 -5.75 7.19 13.43
N GLY B 358 -6.35 6.16 12.85
CA GLY B 358 -6.75 6.23 11.46
C GLY B 358 -5.91 5.35 10.58
N LEU B 359 -5.30 4.34 11.20
CA LEU B 359 -4.45 3.39 10.50
C LEU B 359 -5.30 2.22 10.07
N VAL B 360 -4.75 1.43 9.18
CA VAL B 360 -5.41 0.25 8.64
C VAL B 360 -4.78 -0.92 9.39
N VAL B 361 -5.57 -1.67 10.15
CA VAL B 361 -5.05 -2.78 10.97
C VAL B 361 -5.59 -4.18 10.75
N SER B 362 -4.77 -5.17 11.09
CA SER B 362 -5.18 -6.56 10.97
C SER B 362 -4.38 -7.45 11.89
N VAL B 363 -4.95 -8.57 12.31
CA VAL B 363 -4.23 -9.46 13.21
C VAL B 363 -4.22 -10.90 12.75
N ASN B 364 -3.05 -11.54 12.84
CA ASN B 364 -2.85 -12.93 12.47
C ASN B 364 -2.52 -13.68 13.74
N ALA B 365 -3.00 -14.90 13.83
CA ALA B 365 -2.75 -15.74 15.00
C ALA B 365 -1.59 -16.67 14.67
N GLU B 366 -0.56 -16.70 15.53
CA GLU B 366 0.61 -17.54 15.28
C GLU B 366 0.90 -18.61 16.32
N PRO B 367 0.88 -19.89 15.90
CA PRO B 367 1.14 -21.08 16.73
C PRO B 367 2.59 -21.14 17.22
N HIS B 377 7.27 -19.02 20.36
CA HIS B 377 6.80 -20.10 21.24
C HIS B 377 5.25 -20.15 21.30
N LYS B 378 4.74 -20.22 22.54
CA LYS B 378 3.32 -20.30 22.89
C LYS B 378 2.39 -19.49 21.98
N ILE B 379 1.08 -19.69 22.12
CA ILE B 379 0.10 -18.98 21.30
C ILE B 379 0.23 -17.45 21.41
N SER B 380 0.63 -16.81 20.31
CA SER B 380 0.80 -15.34 20.30
C SER B 380 0.12 -14.68 19.09
N TYR B 381 0.04 -13.35 19.13
CA TYR B 381 -0.62 -12.61 18.08
C TYR B 381 0.26 -11.62 17.33
N ALA B 382 -0.07 -11.38 16.07
CA ALA B 382 0.65 -10.43 15.22
C ALA B 382 -0.27 -9.33 14.72
N ILE B 383 0.14 -8.08 14.87
CA ILE B 383 -0.67 -6.94 14.43
C ILE B 383 0.07 -6.19 13.33
N TYR B 384 -0.59 -5.92 12.22
CA TYR B 384 0.04 -5.24 11.10
C TYR B 384 -0.63 -3.92 10.79
N MET B 385 0.06 -2.80 11.00
CA MET B 385 -0.56 -1.53 10.72
C MET B 385 0.07 -0.92 9.47
N SER B 386 -0.66 -0.09 8.75
CA SER B 386 -0.13 0.56 7.53
C SER B 386 -0.96 1.81 7.32
N GLY B 387 -0.67 2.60 6.29
CA GLY B 387 -1.48 3.77 6.11
C GLY B 387 -0.74 5.03 5.77
N GLY B 388 0.35 4.85 5.02
CA GLY B 388 1.17 5.96 4.54
C GLY B 388 1.49 7.15 5.44
N ASP B 389 0.95 8.31 5.09
CA ASP B 389 1.24 9.51 5.89
C ASP B 389 0.83 9.40 7.33
N VAL B 390 -0.12 8.52 7.61
CA VAL B 390 -0.56 8.36 8.98
C VAL B 390 0.50 7.57 9.70
N LEU B 391 0.97 6.48 9.10
CA LEU B 391 1.99 5.65 9.73
C LEU B 391 3.37 6.33 9.80
N LEU B 392 3.60 7.34 8.96
CA LEU B 392 4.89 8.00 9.02
C LEU B 392 4.92 8.88 10.25
N ASN B 393 3.78 9.45 10.62
CA ASN B 393 3.77 10.28 11.80
C ASN B 393 4.10 9.42 12.99
N VAL B 394 3.69 8.15 12.99
CA VAL B 394 4.00 7.29 14.14
C VAL B 394 5.45 6.87 14.14
N LEU B 395 5.96 6.43 12.99
CA LEU B 395 7.34 5.98 12.89
C LEU B 395 8.43 7.08 12.86
N SER B 396 8.08 8.35 12.72
CA SER B 396 9.12 9.37 12.69
C SER B 396 9.41 9.80 14.12
N LYS B 397 8.69 9.17 15.03
CA LYS B 397 8.86 9.42 16.44
C LYS B 397 9.65 8.24 16.99
N CYS B 398 9.99 7.29 16.15
CA CYS B 398 10.75 6.13 16.58
C CYS B 398 12.23 6.39 16.64
N ALA B 399 12.96 5.41 17.16
CA ALA B 399 14.39 5.57 17.32
C ALA B 399 15.21 4.44 16.74
N GLY B 400 14.64 3.24 16.71
CA GLY B 400 15.34 2.08 16.17
C GLY B 400 16.03 2.41 14.84
N SER B 401 17.27 1.96 14.68
CA SER B 401 17.95 2.27 13.45
C SER B 401 17.13 1.84 12.23
N LYS B 402 16.36 0.75 12.35
CA LYS B 402 15.55 0.18 11.25
C LYS B 402 14.01 0.38 11.35
N LYS B 403 13.56 1.26 12.24
CA LYS B 403 12.15 1.51 12.41
C LYS B 403 11.83 2.96 12.14
N PHE B 404 12.76 3.86 12.37
CA PHE B 404 12.45 5.25 12.09
C PHE B 404 12.20 5.48 10.61
N ARG B 405 11.30 6.40 10.31
CA ARG B 405 10.98 6.80 8.95
C ARG B 405 10.72 8.30 9.04
N PRO B 406 11.12 9.08 8.03
CA PRO B 406 10.92 10.53 8.04
C PRO B 406 9.51 10.97 8.13
N ALA B 407 9.28 12.15 8.63
CA ALA B 407 7.92 12.65 8.77
C ALA B 407 7.29 12.99 7.44
N PRO B 408 5.96 13.07 7.45
CA PRO B 408 5.25 13.41 6.23
C PRO B 408 5.88 14.64 5.60
N ALA B 409 5.97 14.67 4.30
CA ALA B 409 6.54 15.78 3.57
C ALA B 409 5.59 16.96 3.41
N ALA B 410 4.54 17.00 4.22
CA ALA B 410 3.54 18.07 4.18
C ALA B 410 2.38 17.72 5.11
N ALA B 411 1.36 18.57 5.20
CA ALA B 411 0.22 18.26 6.07
C ALA B 411 -0.54 17.08 5.52
N PHE B 412 -1.53 16.62 6.27
CA PHE B 412 -2.33 15.49 5.85
C PHE B 412 -3.63 15.35 6.61
N ALA B 413 -4.41 14.36 6.18
CA ALA B 413 -5.70 14.11 6.78
C ALA B 413 -5.89 12.67 7.17
N ARG B 414 -6.59 12.45 8.27
CA ARG B 414 -6.86 11.09 8.68
C ARG B 414 -8.23 10.78 8.07
N GLU B 415 -8.21 10.19 6.87
CA GLU B 415 -9.41 9.86 6.10
C GLU B 415 -10.08 8.66 6.76
N CYS B 416 -11.31 8.36 6.37
CA CYS B 416 -11.96 7.18 6.92
C CYS B 416 -11.34 6.03 6.15
N ARG B 417 -11.13 4.92 6.84
CA ARG B 417 -10.57 3.75 6.22
C ARG B 417 -11.79 2.95 5.85
N GLY B 418 -11.68 2.06 4.88
CA GLY B 418 -12.87 1.31 4.51
C GLY B 418 -12.76 -0.16 4.84
N PHE B 419 -13.87 -0.87 4.81
CA PHE B 419 -13.83 -2.31 5.08
C PHE B 419 -14.92 -3.03 4.35
N TYR B 420 -14.57 -4.17 3.76
CA TYR B 420 -15.53 -4.93 3.01
C TYR B 420 -16.30 -5.83 3.94
N PHE B 421 -17.63 -5.81 3.82
CA PHE B 421 -18.46 -6.65 4.67
C PHE B 421 -19.26 -7.74 3.95
N GLU B 422 -19.86 -8.62 4.77
CA GLU B 422 -20.72 -9.70 4.31
C GLU B 422 -21.96 -9.59 5.15
N LEU B 423 -23.10 -9.42 4.48
CA LEU B 423 -24.42 -9.28 5.13
C LEU B 423 -25.15 -10.60 5.25
N GLN B 424 -25.33 -11.06 6.48
CA GLN B 424 -26.03 -12.30 6.72
C GLN B 424 -27.40 -11.95 7.29
N GLU B 425 -28.47 -12.48 6.69
CA GLU B 425 -29.84 -12.23 7.16
C GLU B 425 -30.17 -13.07 8.40
N LEU B 426 -30.84 -12.44 9.36
CA LEU B 426 -31.20 -13.14 10.59
C LEU B 426 -32.69 -13.10 10.89
N LYS B 427 -33.05 -13.42 12.13
CA LYS B 427 -34.44 -13.45 12.56
C LYS B 427 -34.91 -12.15 13.18
N GLU B 428 -36.06 -11.66 12.75
CA GLU B 428 -36.60 -10.45 13.32
C GLU B 428 -36.44 -10.61 14.83
N ASP B 429 -36.06 -9.52 15.51
CA ASP B 429 -35.85 -9.48 16.97
C ASP B 429 -36.18 -8.06 17.45
N ASP B 430 -35.65 -7.68 18.61
CA ASP B 430 -35.86 -6.34 19.15
C ASP B 430 -34.77 -5.40 18.58
N TYR B 431 -35.19 -4.22 18.11
CA TYR B 431 -34.26 -3.25 17.55
C TYR B 431 -34.24 -1.94 18.33
N TYR B 432 -33.08 -1.32 18.42
CA TYR B 432 -32.92 -0.09 19.17
C TYR B 432 -32.19 0.92 18.32
N GLY B 433 -32.68 2.14 18.34
CA GLY B 433 -32.06 3.18 17.57
C GLY B 433 -31.92 4.46 18.36
N ILE B 434 -31.40 5.49 17.72
CA ILE B 434 -31.22 6.79 18.30
C ILE B 434 -31.38 7.67 17.09
N THR B 435 -31.85 8.88 17.29
CA THR B 435 -32.08 9.79 16.19
C THR B 435 -31.38 11.10 16.45
N LEU B 436 -30.53 11.56 15.54
CA LEU B 436 -29.86 12.84 15.78
C LEU B 436 -30.63 14.05 15.27
N SER B 437 -30.18 15.24 15.66
CA SER B 437 -30.84 16.47 15.25
C SER B 437 -30.83 16.54 13.73
N ASP B 438 -31.84 17.16 13.14
CA ASP B 438 -31.89 17.25 11.67
C ASP B 438 -31.06 18.41 11.07
N ASP B 439 -30.22 19.02 11.89
CA ASP B 439 -29.35 20.10 11.45
C ASP B 439 -28.02 19.47 11.09
N SER B 440 -27.77 18.31 11.70
CA SER B 440 -26.56 17.52 11.57
C SER B 440 -26.48 16.54 10.41
N ASP B 441 -25.36 15.84 10.33
CA ASP B 441 -25.09 14.90 9.28
C ASP B 441 -25.72 13.55 9.51
N HIS B 442 -26.44 13.39 10.59
CA HIS B 442 -27.12 12.13 10.84
C HIS B 442 -26.28 10.87 10.95
N GLN B 443 -24.97 11.02 10.94
CA GLN B 443 -24.12 9.86 11.07
C GLN B 443 -23.44 10.00 12.42
N PHE B 444 -23.04 8.87 12.99
CA PHE B 444 -22.34 8.87 14.27
C PHE B 444 -21.48 7.60 14.34
N LEU B 445 -20.48 7.61 15.24
CA LEU B 445 -19.55 6.49 15.39
C LEU B 445 -19.86 5.44 16.43
N LEU B 446 -19.92 4.19 16.02
CA LEU B 446 -20.19 3.17 16.99
C LEU B 446 -18.89 3.01 17.76
N ALA B 447 -18.86 2.03 18.66
CA ALA B 447 -17.70 1.79 19.49
C ALA B 447 -16.46 1.36 18.71
N ASN B 448 -16.67 0.64 17.62
CA ASN B 448 -15.52 0.22 16.82
C ASN B 448 -15.18 1.27 15.78
N GLN B 449 -15.78 2.44 15.89
CA GLN B 449 -15.46 3.50 14.96
C GLN B 449 -16.16 3.35 13.63
N VAL B 450 -16.91 2.26 13.46
CA VAL B 450 -17.66 2.03 12.22
C VAL B 450 -18.62 3.20 12.07
N VAL B 451 -18.81 3.67 10.84
CA VAL B 451 -19.73 4.78 10.67
C VAL B 451 -21.08 4.25 10.24
N VAL B 452 -22.07 4.58 11.06
CA VAL B 452 -23.45 4.18 10.86
C VAL B 452 -24.28 5.45 10.82
N HIS B 453 -25.47 5.31 10.23
CA HIS B 453 -26.39 6.39 9.99
C HIS B 453 -27.63 6.21 10.83
N ASN B 454 -28.19 7.26 11.39
CA ASN B 454 -29.37 7.03 12.19
C ASN B 454 -30.50 6.68 11.27
N TYR C 9 38.31 11.73 -15.17
CA TYR C 9 38.27 11.86 -16.63
C TYR C 9 36.90 11.59 -17.27
N VAL C 10 36.02 10.85 -16.55
CA VAL C 10 34.64 10.49 -16.99
C VAL C 10 33.87 9.77 -15.88
N GLY C 11 32.87 8.95 -16.26
CA GLY C 11 32.08 8.20 -15.31
C GLY C 11 30.82 7.67 -15.96
N SER C 12 30.86 7.56 -17.28
CA SER C 12 29.76 7.12 -18.17
C SER C 12 29.13 8.36 -18.80
N GLY C 13 29.86 9.46 -18.58
CA GLY C 13 29.56 10.81 -19.03
C GLY C 13 30.79 11.52 -18.45
N GLU C 14 31.17 12.68 -19.00
CA GLU C 14 32.37 13.38 -18.48
C GLU C 14 32.28 14.94 -18.44
N ARG C 15 32.66 15.54 -17.29
CA ARG C 15 32.60 17.00 -17.12
C ARG C 15 33.98 17.63 -17.08
N TYR D 9 -41.69 2.56 8.39
CA TYR D 9 -41.94 3.50 9.48
C TYR D 9 -40.63 4.28 9.80
N VAL D 10 -39.57 3.55 10.17
CA VAL D 10 -38.26 4.11 10.55
C VAL D 10 -37.22 3.02 10.83
N GLY D 11 -35.95 3.37 10.59
CA GLY D 11 -34.85 2.44 10.83
C GLY D 11 -33.79 3.10 11.68
N SER D 12 -34.18 4.23 12.31
CA SER D 12 -33.39 5.08 13.21
C SER D 12 -33.64 6.57 12.86
N GLY D 13 -34.29 6.77 11.72
CA GLY D 13 -34.66 8.08 11.21
C GLY D 13 -35.94 7.72 10.45
N GLU D 14 -36.80 8.69 10.10
CA GLU D 14 -38.05 8.33 9.43
C GLU D 14 -38.53 9.11 8.18
N ARG D 15 -39.31 8.42 7.34
CA ARG D 15 -39.87 8.97 6.09
C ARG D 15 -41.37 8.68 5.94
#